data_2WPO
#
_entry.id   2WPO
#
_cell.length_a   107.800
_cell.length_b   53.400
_cell.length_c   212.400
_cell.angle_alpha   90.00
_cell.angle_beta   90.00
_cell.angle_gamma   90.00
#
_symmetry.space_group_name_H-M   'P 21 2 21'
#
loop_
_entity.id
_entity.type
_entity.pdbx_description
1 polymer 'HUMAN CYTOMEGALOVIRUS PROTEASE'
2 non-polymer '(2S)-2-(3,3-dimethylbutanoylamino)-N-[(2S)-1-[[(2S,3S)-3-hydroxy-4-[(4-iodophenyl)methylamino]-4-oxo-butan-2-yl]amino]- 1,4-dioxo-4-pyrrol-1-yl-butan-2-yl]-3,3-dimethyl-butanamide'
#
_entity_poly.entity_id   1
_entity_poly.type   'polypeptide(L)'
_entity_poly.pdbx_seq_one_letter_code
;MTMDEQQSQAVAPVYVGGFLARYDQSPDEAELLLPRDVVEHWLHAQGQGQPSLSVALPLNINHDDTAVVGHVAAMQSVRD
GLFCLGCVTSPRFLEIVRRASEKSELVSRGPVSPLQPDKVVEFLSGSYAGLSLSSRRCDDVEQATSLSGSETTPFKHVAL
CSVGRRRGTLAVYGRDPEWVMQRFPDLTAADRDGLRAQWQRCGSTAVDASGDPFRSDSYGLLGNSVDAMYIRERLPKLRY
DKQLVGVTERESYVKA
;
_entity_poly.pdbx_strand_id   A,B,C,D
#
loop_
_chem_comp.id
_chem_comp.type
_chem_comp.name
_chem_comp.formula
01E peptide-like '(2S)-2-(3,3-dimethylbutanoylamino)-N-[(2S)-1-[[(2S,3S)-3-hydroxy-4-[(4-iodophenyl)methylamino]-4-oxo-butan-2-yl]amino]- 1,4-dioxo-4-pyrrol-1-yl-butan-2-yl]-3,3-dimethyl-butanamide' 'C31 H44 I N5 O6'
#
# COMPACT_ATOMS: atom_id res chain seq x y z
N ASP A 4 -11.31 15.58 -2.34
CA ASP A 4 -12.57 15.44 -3.10
C ASP A 4 -12.54 14.17 -3.97
N GLU A 5 -11.39 13.82 -4.55
CA GLU A 5 -11.35 12.61 -5.37
C GLU A 5 -10.86 11.37 -4.65
N GLN A 6 -10.08 11.57 -3.60
CA GLN A 6 -9.58 10.46 -2.80
C GLN A 6 -10.85 9.75 -2.32
N GLN A 7 -11.87 10.56 -2.01
CA GLN A 7 -13.17 10.08 -1.56
C GLN A 7 -13.76 9.15 -2.60
N SER A 8 -13.84 9.65 -3.83
CA SER A 8 -14.41 8.87 -4.91
C SER A 8 -13.45 7.75 -5.24
N GLN A 9 -12.20 7.88 -4.81
CA GLN A 9 -11.19 6.86 -5.04
C GLN A 9 -11.61 5.63 -4.19
N ALA A 10 -12.11 5.90 -2.97
CA ALA A 10 -12.57 4.87 -2.02
C ALA A 10 -13.98 4.35 -2.33
N VAL A 11 -14.82 5.22 -2.86
CA VAL A 11 -16.17 4.86 -3.21
C VAL A 11 -16.20 3.91 -4.44
N ALA A 12 -15.03 3.44 -4.88
CA ALA A 12 -14.96 2.54 -6.05
C ALA A 12 -15.50 1.16 -5.69
N PRO A 13 -15.90 0.35 -6.68
CA PRO A 13 -16.43 -0.99 -6.38
C PRO A 13 -15.46 -1.82 -5.56
N VAL A 14 -16.01 -2.62 -4.66
CA VAL A 14 -15.20 -3.49 -3.84
C VAL A 14 -15.69 -4.87 -4.17
N TYR A 15 -14.77 -5.78 -4.41
CA TYR A 15 -15.09 -7.16 -4.74
C TYR A 15 -14.94 -7.98 -3.49
N VAL A 16 -15.43 -9.20 -3.55
CA VAL A 16 -15.37 -10.09 -2.43
C VAL A 16 -15.47 -11.50 -2.98
N GLY A 17 -14.74 -12.42 -2.35
CA GLY A 17 -14.77 -13.79 -2.79
C GLY A 17 -14.66 -14.63 -1.55
N GLY A 18 -14.99 -15.90 -1.65
CA GLY A 18 -14.91 -16.76 -0.50
C GLY A 18 -15.82 -17.94 -0.70
N PHE A 19 -15.51 -19.03 -0.03
CA PHE A 19 -16.31 -20.23 -0.17
C PHE A 19 -17.65 -20.07 0.51
N LEU A 20 -18.68 -20.59 -0.13
CA LEU A 20 -20.02 -20.56 0.42
C LEU A 20 -20.29 -21.88 1.13
N ALA A 21 -19.37 -22.83 1.01
CA ALA A 21 -19.51 -24.14 1.63
C ALA A 21 -18.34 -25.04 1.26
N ARG A 22 -17.71 -25.64 2.25
CA ARG A 22 -16.60 -26.53 1.97
C ARG A 22 -17.06 -27.99 2.15
N TYR A 23 -17.23 -28.70 1.03
CA TYR A 23 -17.71 -30.09 1.04
C TYR A 23 -17.00 -30.99 2.06
N ASP A 24 -15.86 -30.51 2.56
CA ASP A 24 -15.04 -31.22 3.54
C ASP A 24 -15.28 -30.67 4.95
N GLN A 25 -16.54 -30.33 5.26
CA GLN A 25 -16.90 -29.80 6.56
C GLN A 25 -18.25 -30.32 7.01
N SER A 26 -18.27 -30.96 8.18
CA SER A 26 -19.49 -31.49 8.77
C SER A 26 -20.21 -30.25 9.32
N PRO A 27 -21.49 -30.05 8.93
CA PRO A 27 -22.23 -28.88 9.42
C PRO A 27 -22.60 -29.04 10.87
N ASP A 28 -22.92 -27.93 11.54
CA ASP A 28 -23.34 -27.97 12.94
C ASP A 28 -24.84 -28.36 12.91
N GLU A 29 -25.64 -27.54 12.23
CA GLU A 29 -27.06 -27.82 12.09
C GLU A 29 -27.25 -28.57 10.77
N ALA A 30 -28.02 -29.67 10.81
CA ALA A 30 -28.28 -30.52 9.65
C ALA A 30 -28.81 -29.76 8.45
N GLU A 31 -29.53 -28.68 8.72
CA GLU A 31 -30.11 -27.86 7.65
C GLU A 31 -29.04 -27.12 6.81
N LEU A 32 -27.78 -27.25 7.21
CA LEU A 32 -26.68 -26.61 6.47
C LEU A 32 -26.01 -27.58 5.46
N LEU A 33 -26.54 -28.79 5.37
CA LEU A 33 -26.01 -29.78 4.45
C LEU A 33 -26.13 -29.27 3.02
N LEU A 34 -24.99 -29.16 2.35
CA LEU A 34 -24.91 -28.66 0.98
C LEU A 34 -23.87 -29.54 0.32
N PRO A 35 -24.26 -30.74 -0.05
CA PRO A 35 -23.37 -31.71 -0.69
C PRO A 35 -22.89 -31.27 -2.07
N ARG A 36 -21.76 -31.83 -2.49
CA ARG A 36 -21.18 -31.54 -3.80
C ARG A 36 -22.21 -31.81 -4.91
N ASP A 37 -22.78 -33.01 -4.92
CA ASP A 37 -23.74 -33.34 -5.96
C ASP A 37 -24.90 -32.35 -6.04
N VAL A 38 -25.52 -32.07 -4.91
CA VAL A 38 -26.64 -31.12 -4.87
C VAL A 38 -26.26 -29.80 -5.53
N VAL A 39 -25.14 -29.23 -5.06
CA VAL A 39 -24.65 -27.96 -5.59
C VAL A 39 -24.55 -28.06 -7.10
N GLU A 40 -23.85 -29.10 -7.57
CA GLU A 40 -23.66 -29.36 -9.00
C GLU A 40 -24.99 -29.18 -9.71
N HIS A 41 -25.93 -30.04 -9.34
CA HIS A 41 -27.28 -30.05 -9.88
C HIS A 41 -27.86 -28.64 -9.96
N TRP A 42 -28.12 -28.06 -8.80
CA TRP A 42 -28.72 -26.75 -8.75
C TRP A 42 -28.03 -25.79 -9.70
N LEU A 43 -26.72 -25.62 -9.55
CA LEU A 43 -25.96 -24.71 -10.40
C LEU A 43 -26.41 -24.81 -11.87
N HIS A 44 -26.49 -26.05 -12.38
CA HIS A 44 -26.91 -26.31 -13.75
C HIS A 44 -28.36 -25.88 -13.98
N ALA A 45 -29.27 -26.25 -13.07
CA ALA A 45 -30.70 -25.91 -13.19
C ALA A 45 -30.91 -24.41 -13.25
N GLN A 46 -30.14 -23.70 -12.44
CA GLN A 46 -30.22 -22.26 -12.37
C GLN A 46 -29.63 -21.74 -13.69
N LEU A 53 -25.43 -19.44 -15.12
CA LEU A 53 -26.28 -18.75 -14.15
C LEU A 53 -27.06 -17.62 -14.84
N SER A 54 -28.39 -17.60 -14.70
CA SER A 54 -29.22 -16.56 -15.35
C SER A 54 -29.02 -15.19 -14.69
N VAL A 55 -30.09 -14.63 -14.12
CA VAL A 55 -29.99 -13.30 -13.47
C VAL A 55 -29.00 -13.40 -12.32
N ALA A 56 -28.35 -12.29 -12.02
CA ALA A 56 -27.34 -12.25 -10.96
C ALA A 56 -27.99 -12.11 -9.59
N LEU A 57 -27.69 -13.09 -8.73
CA LEU A 57 -28.20 -13.11 -7.39
C LEU A 57 -27.77 -11.78 -6.80
N PRO A 58 -28.54 -11.25 -5.84
CA PRO A 58 -28.12 -9.96 -5.27
C PRO A 58 -27.11 -10.23 -4.16
N LEU A 59 -26.47 -9.17 -3.68
CA LEU A 59 -25.50 -9.29 -2.60
C LEU A 59 -26.03 -8.34 -1.53
N ASN A 60 -26.40 -8.88 -0.37
CA ASN A 60 -26.95 -8.04 0.71
C ASN A 60 -26.27 -8.16 2.05
N ILE A 61 -26.58 -7.21 2.93
CA ILE A 61 -26.03 -7.17 4.27
C ILE A 61 -26.84 -8.08 5.22
N ASN A 62 -26.25 -9.19 5.62
CA ASN A 62 -26.89 -10.09 6.57
C ASN A 62 -28.36 -10.42 6.20
N HIS A 63 -28.56 -10.81 4.95
CA HIS A 63 -29.88 -11.21 4.45
C HIS A 63 -31.02 -10.20 4.45
N ASP A 64 -30.79 -8.95 4.84
CA ASP A 64 -31.87 -7.98 4.78
C ASP A 64 -32.10 -7.67 3.31
N ASP A 65 -33.33 -7.86 2.82
CA ASP A 65 -33.66 -7.56 1.44
C ASP A 65 -33.63 -6.07 1.14
N THR A 66 -33.67 -5.23 2.18
CA THR A 66 -33.63 -3.78 2.00
C THR A 66 -32.21 -3.27 2.13
N ALA A 67 -31.25 -4.20 2.17
CA ALA A 67 -29.83 -3.91 2.31
C ALA A 67 -29.02 -4.62 1.25
N VAL A 68 -29.39 -4.46 -0.02
CA VAL A 68 -28.64 -5.08 -1.11
C VAL A 68 -27.54 -4.11 -1.51
N VAL A 69 -26.31 -4.58 -1.37
CA VAL A 69 -25.13 -3.79 -1.70
C VAL A 69 -24.61 -4.00 -3.12
N GLY A 70 -24.91 -5.15 -3.72
CA GLY A 70 -24.44 -5.43 -5.04
C GLY A 70 -25.06 -6.69 -5.65
N HIS A 71 -24.21 -7.54 -6.23
CA HIS A 71 -24.66 -8.77 -6.87
C HIS A 71 -23.52 -9.78 -6.93
N VAL A 72 -23.85 -11.03 -7.18
CA VAL A 72 -22.87 -12.08 -7.26
C VAL A 72 -22.50 -12.32 -8.73
N ALA A 73 -21.25 -12.00 -9.08
CA ALA A 73 -20.71 -12.13 -10.43
C ALA A 73 -20.37 -13.56 -10.83
N ALA A 74 -20.00 -14.40 -9.89
CA ALA A 74 -19.66 -15.76 -10.27
C ALA A 74 -19.80 -16.75 -9.13
N MET A 75 -20.12 -17.99 -9.45
CA MET A 75 -20.24 -19.07 -8.47
C MET A 75 -19.72 -20.30 -9.19
N GLN A 76 -18.91 -21.09 -8.50
CA GLN A 76 -18.29 -22.25 -9.11
C GLN A 76 -18.01 -23.36 -8.10
N SER A 77 -18.42 -24.58 -8.43
CA SER A 77 -18.21 -25.74 -7.58
C SER A 77 -16.79 -26.25 -7.83
N VAL A 78 -15.88 -25.87 -6.94
CA VAL A 78 -14.49 -26.30 -7.05
C VAL A 78 -14.36 -27.59 -6.28
N ARG A 79 -13.19 -28.22 -6.32
CA ARG A 79 -13.04 -29.48 -5.62
C ARG A 79 -13.29 -29.46 -4.13
N ASP A 80 -12.92 -28.36 -3.47
CA ASP A 80 -13.10 -28.24 -2.01
C ASP A 80 -14.40 -27.57 -1.53
N GLY A 81 -15.19 -27.06 -2.47
CA GLY A 81 -16.43 -26.40 -2.10
C GLY A 81 -17.06 -25.56 -3.22
N LEU A 82 -17.81 -24.55 -2.82
CA LEU A 82 -18.48 -23.66 -3.77
C LEU A 82 -17.87 -22.30 -3.55
N PHE A 83 -17.25 -21.75 -4.59
CA PHE A 83 -16.64 -20.45 -4.49
C PHE A 83 -17.53 -19.44 -5.18
N CYS A 84 -17.54 -18.20 -4.68
CA CYS A 84 -18.36 -17.21 -5.32
C CYS A 84 -17.60 -15.91 -5.33
N LEU A 85 -17.96 -15.02 -6.25
CA LEU A 85 -17.30 -13.74 -6.41
C LEU A 85 -18.46 -12.73 -6.61
N GLY A 86 -18.54 -11.75 -5.73
CA GLY A 86 -19.58 -10.75 -5.83
C GLY A 86 -18.96 -9.37 -5.89
N CYS A 87 -19.74 -8.36 -6.23
CA CYS A 87 -19.17 -7.02 -6.31
C CYS A 87 -20.09 -6.03 -5.60
N VAL A 88 -19.52 -5.29 -4.67
CA VAL A 88 -20.26 -4.28 -3.94
C VAL A 88 -20.19 -3.04 -4.81
N THR A 89 -21.34 -2.67 -5.35
CA THR A 89 -21.41 -1.53 -6.24
C THR A 89 -22.24 -0.38 -5.69
N SER A 90 -23.12 -0.66 -4.73
CA SER A 90 -23.96 0.36 -4.14
C SER A 90 -23.26 1.63 -3.66
N PRO A 91 -23.49 2.76 -4.33
CA PRO A 91 -22.90 4.05 -3.98
C PRO A 91 -23.16 4.52 -2.57
N ARG A 92 -24.43 4.41 -2.18
CA ARG A 92 -24.96 4.81 -0.88
C ARG A 92 -24.27 4.02 0.24
N PHE A 93 -24.24 2.70 0.09
CA PHE A 93 -23.61 1.83 1.06
C PHE A 93 -22.13 2.22 1.13
N LEU A 94 -21.44 2.22 -0.01
CA LEU A 94 -20.01 2.55 -0.02
C LEU A 94 -19.70 3.85 0.72
N GLU A 95 -20.53 4.87 0.51
CA GLU A 95 -20.32 6.13 1.20
C GLU A 95 -20.56 6.00 2.71
N ILE A 96 -21.56 5.22 3.11
CA ILE A 96 -21.79 5.03 4.55
C ILE A 96 -20.59 4.34 5.15
N VAL A 97 -20.08 3.31 4.45
CA VAL A 97 -18.91 2.53 4.87
C VAL A 97 -17.65 3.35 4.76
N ARG A 98 -17.69 4.41 3.97
CA ARG A 98 -16.54 5.28 3.81
C ARG A 98 -16.44 6.25 4.98
N ARG A 99 -17.54 6.93 5.27
CA ARG A 99 -17.58 7.88 6.37
C ARG A 99 -17.44 7.19 7.74
N ALA A 100 -17.82 5.92 7.81
CA ALA A 100 -17.74 5.16 9.04
C ALA A 100 -16.32 4.73 9.28
N SER A 101 -15.64 4.33 8.22
CA SER A 101 -14.24 3.88 8.32
C SER A 101 -13.37 4.97 8.91
N GLU A 102 -13.67 6.22 8.61
CA GLU A 102 -12.93 7.35 9.14
C GLU A 102 -13.08 7.48 10.67
N LYS A 103 -13.95 6.66 11.26
CA LYS A 103 -14.22 6.72 12.69
C LYS A 103 -13.84 5.45 13.41
N SER A 104 -13.16 4.55 12.72
CA SER A 104 -12.74 3.29 13.29
C SER A 104 -11.28 3.33 13.69
N GLU A 105 -10.96 2.84 14.87
CA GLU A 105 -9.58 2.79 15.29
C GLU A 105 -8.92 1.53 14.69
N LEU A 106 -9.69 0.47 14.51
CA LEU A 106 -9.19 -0.77 13.92
C LEU A 106 -8.62 -0.42 12.53
N VAL A 107 -9.44 0.25 11.72
CA VAL A 107 -9.06 0.65 10.37
C VAL A 107 -7.93 1.69 10.43
N SER A 108 -7.92 2.51 11.47
CA SER A 108 -6.89 3.52 11.64
C SER A 108 -5.49 2.88 11.76
N ARG A 109 -5.44 1.65 12.27
CA ARG A 109 -4.15 0.99 12.42
C ARG A 109 -3.61 0.43 11.12
N GLY A 110 -4.38 0.57 10.05
CA GLY A 110 -3.95 0.10 8.75
C GLY A 110 -3.77 -1.39 8.65
N PRO A 111 -3.51 -1.91 7.44
CA PRO A 111 -3.31 -3.34 7.16
C PRO A 111 -1.86 -3.81 7.39
N VAL A 112 -1.53 -5.02 6.94
CA VAL A 112 -0.19 -5.55 7.09
C VAL A 112 0.79 -5.00 6.02
N SER A 113 1.97 -4.58 6.49
CA SER A 113 3.06 -4.00 5.69
C SER A 113 3.06 -3.78 4.16
N PRO A 114 3.19 -4.85 3.36
CA PRO A 114 3.20 -4.54 1.93
C PRO A 114 1.89 -4.00 1.35
N LEU A 115 0.77 -4.23 2.04
CA LEU A 115 -0.52 -3.77 1.56
C LEU A 115 -0.85 -2.32 1.88
N GLN A 116 -1.53 -1.68 0.93
CA GLN A 116 -1.92 -0.28 1.06
C GLN A 116 -3.20 -0.10 1.88
N PRO A 117 -3.24 0.94 2.72
CA PRO A 117 -4.43 1.18 3.53
C PRO A 117 -5.61 1.43 2.59
N ASP A 118 -6.70 0.73 2.83
CA ASP A 118 -7.91 0.90 2.05
C ASP A 118 -9.05 0.89 3.04
N LYS A 119 -9.31 2.05 3.65
CA LYS A 119 -10.36 2.18 4.66
C LYS A 119 -11.68 1.44 4.40
N VAL A 120 -12.33 1.72 3.28
CA VAL A 120 -13.57 1.01 2.97
C VAL A 120 -13.33 -0.50 2.91
N VAL A 121 -12.32 -0.96 2.17
CA VAL A 121 -12.05 -2.40 2.08
C VAL A 121 -11.68 -2.99 3.44
N GLU A 122 -11.09 -2.16 4.30
CA GLU A 122 -10.69 -2.59 5.63
C GLU A 122 -11.91 -2.68 6.53
N PHE A 123 -12.80 -1.70 6.42
CA PHE A 123 -14.04 -1.67 7.21
C PHE A 123 -14.89 -2.88 6.91
N LEU A 124 -15.00 -3.20 5.63
CA LEU A 124 -15.81 -4.32 5.21
C LEU A 124 -15.22 -5.63 5.70
N SER A 125 -13.89 -5.68 5.78
CA SER A 125 -13.18 -6.87 6.24
C SER A 125 -13.45 -7.16 7.72
N GLY A 126 -13.44 -6.11 8.54
CA GLY A 126 -13.71 -6.28 9.95
C GLY A 126 -15.17 -6.58 10.24
N SER A 127 -16.06 -5.69 9.82
CA SER A 127 -17.50 -5.83 9.99
C SER A 127 -18.08 -7.05 9.28
N TYR A 128 -18.09 -7.02 7.96
CA TYR A 128 -18.69 -8.09 7.17
C TYR A 128 -17.74 -9.23 6.83
N ALA A 129 -17.17 -9.82 7.87
CA ALA A 129 -16.16 -10.87 7.77
C ALA A 129 -16.56 -12.26 7.30
N GLY A 130 -17.85 -12.48 7.09
CA GLY A 130 -18.29 -13.79 6.66
C GLY A 130 -19.17 -13.70 5.42
N LEU A 131 -19.36 -14.84 4.76
CA LEU A 131 -20.17 -14.93 3.56
C LEU A 131 -21.24 -16.00 3.81
N SER A 132 -22.51 -15.60 3.68
CA SER A 132 -23.63 -16.52 3.94
C SER A 132 -24.67 -16.66 2.83
N LEU A 133 -24.83 -17.89 2.36
CA LEU A 133 -25.75 -18.24 1.29
C LEU A 133 -27.18 -18.39 1.75
N SER A 134 -28.09 -17.96 0.89
CA SER A 134 -29.51 -18.08 1.13
C SER A 134 -29.92 -19.08 0.04
N SER A 135 -30.37 -20.25 0.44
CA SER A 135 -30.75 -21.28 -0.52
C SER A 135 -32.02 -22.04 -0.16
N ARG A 136 -32.48 -22.89 -1.08
CA ARG A 136 -33.67 -23.68 -0.86
C ARG A 136 -33.37 -24.66 0.25
N ARG A 137 -34.40 -25.25 0.86
CA ARG A 137 -34.19 -26.21 1.94
C ARG A 137 -33.75 -27.53 1.35
N CYS A 138 -32.45 -27.80 1.43
CA CYS A 138 -31.88 -29.03 0.91
C CYS A 138 -31.93 -30.08 2.03
N ASP A 139 -33.05 -30.78 2.18
CA ASP A 139 -33.10 -31.80 3.23
C ASP A 139 -33.12 -33.22 2.67
N ASP A 140 -32.64 -34.17 3.46
CA ASP A 140 -32.60 -35.57 3.06
C ASP A 140 -33.92 -36.09 2.43
N VAL A 141 -33.85 -36.48 1.14
CA VAL A 141 -34.97 -37.04 0.32
C VAL A 141 -35.06 -36.45 -1.09
N GLU A 142 -34.83 -35.15 -1.21
CA GLU A 142 -34.91 -34.46 -2.49
C GLU A 142 -33.70 -33.53 -2.71
N GLN A 143 -33.24 -33.42 -3.96
CA GLN A 143 -32.08 -32.57 -4.33
C GLN A 143 -32.10 -32.17 -5.80
N THR A 152 -35.16 -24.00 -12.77
CA THR A 152 -35.63 -23.42 -11.52
C THR A 152 -34.54 -22.58 -10.85
N THR A 153 -34.78 -22.12 -9.61
CA THR A 153 -33.78 -21.31 -8.92
C THR A 153 -33.56 -21.53 -7.40
N PRO A 154 -32.79 -22.57 -7.02
CA PRO A 154 -32.48 -22.89 -5.62
C PRO A 154 -31.58 -21.87 -4.88
N PHE A 155 -30.77 -21.12 -5.61
CA PHE A 155 -29.89 -20.14 -4.98
C PHE A 155 -30.60 -18.80 -4.92
N LYS A 156 -31.07 -18.43 -3.73
CA LYS A 156 -31.77 -17.17 -3.57
C LYS A 156 -30.83 -15.94 -3.66
N HIS A 157 -29.88 -15.85 -2.75
CA HIS A 157 -28.94 -14.74 -2.75
C HIS A 157 -27.78 -15.08 -1.83
N VAL A 158 -26.81 -14.17 -1.73
CA VAL A 158 -25.65 -14.32 -0.85
C VAL A 158 -25.67 -13.10 0.07
N ALA A 159 -25.25 -13.31 1.32
CA ALA A 159 -25.24 -12.23 2.29
C ALA A 159 -23.91 -12.03 2.95
N LEU A 160 -23.59 -10.76 3.19
CA LEU A 160 -22.37 -10.37 3.86
C LEU A 160 -22.74 -10.30 5.35
N CYS A 161 -22.05 -11.05 6.20
CA CYS A 161 -22.35 -10.99 7.62
C CYS A 161 -21.09 -11.20 8.42
N SER A 162 -21.14 -10.94 9.72
CA SER A 162 -19.99 -11.07 10.63
C SER A 162 -19.35 -12.47 10.62
N VAL A 163 -20.18 -13.49 10.65
CA VAL A 163 -19.71 -14.86 10.63
C VAL A 163 -20.62 -15.69 9.74
N GLY A 164 -20.28 -16.94 9.53
CA GLY A 164 -21.13 -17.74 8.69
C GLY A 164 -21.54 -18.94 9.51
N ARG A 165 -22.76 -19.43 9.25
CA ARG A 165 -23.24 -20.60 9.96
C ARG A 165 -22.42 -21.78 9.43
N ARG A 166 -21.98 -21.67 8.18
CA ARG A 166 -21.15 -22.68 7.54
C ARG A 166 -19.71 -22.23 7.72
N ARG A 167 -18.84 -23.17 8.07
CA ARG A 167 -17.40 -22.91 8.26
C ARG A 167 -16.60 -22.83 6.96
N GLY A 168 -15.48 -22.12 7.02
CA GLY A 168 -14.64 -21.96 5.84
C GLY A 168 -15.24 -20.98 4.84
N THR A 169 -16.11 -20.10 5.33
CA THR A 169 -16.78 -19.12 4.48
C THR A 169 -16.27 -17.69 4.71
N LEU A 170 -14.97 -17.57 4.96
CA LEU A 170 -14.34 -16.27 5.19
C LEU A 170 -14.54 -15.36 3.96
N ALA A 171 -14.71 -14.07 4.20
CA ALA A 171 -14.90 -13.12 3.12
C ALA A 171 -13.65 -12.30 2.85
N VAL A 172 -12.99 -12.56 1.73
CA VAL A 172 -11.81 -11.79 1.37
C VAL A 172 -12.26 -10.68 0.43
N TYR A 173 -11.94 -9.44 0.79
CA TYR A 173 -12.33 -8.28 0.02
C TYR A 173 -11.10 -7.65 -0.60
N GLY A 174 -11.32 -6.96 -1.73
CA GLY A 174 -10.27 -6.26 -2.44
C GLY A 174 -10.83 -5.44 -3.60
N ARG A 175 -10.04 -4.54 -4.18
CA ARG A 175 -10.55 -3.77 -5.33
C ARG A 175 -10.47 -4.50 -6.67
N ASP A 176 -9.67 -5.57 -6.76
CA ASP A 176 -9.53 -6.31 -8.00
C ASP A 176 -9.81 -7.79 -7.79
N PRO A 177 -10.76 -8.36 -8.55
CA PRO A 177 -11.18 -9.77 -8.50
C PRO A 177 -10.11 -10.79 -8.82
N GLU A 178 -9.03 -10.34 -9.45
CA GLU A 178 -7.94 -11.26 -9.77
C GLU A 178 -7.15 -11.45 -8.48
N TRP A 179 -6.99 -10.36 -7.74
CA TRP A 179 -6.30 -10.35 -6.47
C TRP A 179 -7.08 -11.18 -5.44
N VAL A 180 -8.32 -10.79 -5.16
CA VAL A 180 -9.10 -11.53 -4.19
C VAL A 180 -9.08 -13.03 -4.51
N MET A 181 -9.21 -13.40 -5.79
CA MET A 181 -9.16 -14.83 -6.11
C MET A 181 -7.77 -15.40 -5.74
N GLN A 182 -6.71 -14.60 -5.89
CA GLN A 182 -5.34 -15.04 -5.62
C GLN A 182 -5.07 -15.39 -4.17
N ARG A 183 -5.82 -14.78 -3.26
CA ARG A 183 -5.68 -15.01 -1.83
C ARG A 183 -5.96 -16.46 -1.41
N PHE A 184 -6.70 -17.19 -2.23
CA PHE A 184 -7.09 -18.56 -1.93
C PHE A 184 -6.20 -19.66 -2.52
N PRO A 185 -5.26 -20.19 -1.71
CA PRO A 185 -4.35 -21.23 -2.14
C PRO A 185 -4.97 -22.45 -2.82
N ASP A 186 -6.26 -22.70 -2.65
CA ASP A 186 -6.91 -23.89 -3.24
C ASP A 186 -7.28 -23.71 -4.73
N LEU A 187 -7.63 -22.50 -5.13
CA LEU A 187 -8.06 -22.26 -6.49
C LEU A 187 -6.98 -22.48 -7.54
N THR A 188 -7.27 -23.39 -8.47
CA THR A 188 -6.36 -23.68 -9.56
C THR A 188 -6.62 -22.65 -10.64
N ALA A 189 -5.79 -22.64 -11.68
CA ALA A 189 -5.93 -21.71 -12.80
C ALA A 189 -7.24 -22.01 -13.50
N ALA A 190 -7.53 -23.28 -13.68
CA ALA A 190 -8.76 -23.72 -14.33
C ALA A 190 -9.95 -23.17 -13.55
N ASP A 191 -9.82 -23.16 -12.21
CA ASP A 191 -10.85 -22.63 -11.34
C ASP A 191 -11.03 -21.16 -11.67
N ARG A 192 -9.99 -20.38 -11.41
CA ARG A 192 -9.99 -18.93 -11.68
C ARG A 192 -10.47 -18.61 -13.11
N ASP A 193 -10.33 -19.57 -14.02
CA ASP A 193 -10.75 -19.41 -15.39
C ASP A 193 -12.27 -19.44 -15.43
N GLY A 194 -12.87 -20.52 -14.93
CA GLY A 194 -14.33 -20.67 -14.90
C GLY A 194 -15.07 -19.55 -14.20
N LEU A 195 -14.47 -19.01 -13.14
CA LEU A 195 -15.08 -17.91 -12.43
C LEU A 195 -14.93 -16.67 -13.31
N ARG A 196 -13.70 -16.40 -13.77
CA ARG A 196 -13.42 -15.22 -14.61
C ARG A 196 -14.32 -15.12 -15.84
N ALA A 197 -14.55 -16.26 -16.48
CA ALA A 197 -15.41 -16.31 -17.65
C ALA A 197 -16.80 -15.81 -17.26
N GLN A 198 -17.25 -16.15 -16.05
CA GLN A 198 -18.57 -15.74 -15.57
C GLN A 198 -18.75 -14.24 -15.53
N TRP A 199 -17.79 -13.50 -14.98
CA TRP A 199 -17.96 -12.05 -14.96
C TRP A 199 -17.56 -11.42 -16.28
N GLN A 200 -16.80 -12.16 -17.07
CA GLN A 200 -16.38 -11.68 -18.38
C GLN A 200 -17.32 -12.30 -19.41
N SER A 210 -31.36 -0.62 -12.38
CA SER A 210 -32.24 0.30 -11.66
C SER A 210 -31.44 1.27 -10.81
N GLY A 211 -30.11 1.11 -10.87
CA GLY A 211 -29.20 1.95 -10.11
C GLY A 211 -28.78 1.31 -8.80
N ASP A 212 -28.74 2.12 -7.77
CA ASP A 212 -28.35 1.74 -6.41
C ASP A 212 -29.43 0.94 -5.71
N PRO A 213 -29.24 -0.38 -5.55
CA PRO A 213 -30.23 -1.25 -4.90
C PRO A 213 -30.36 -1.12 -3.37
N PHE A 214 -29.51 -0.30 -2.78
CA PHE A 214 -29.52 -0.14 -1.35
C PHE A 214 -30.74 0.64 -0.89
N ARG A 215 -31.55 0.01 -0.04
CA ARG A 215 -32.74 0.66 0.49
C ARG A 215 -32.65 0.93 1.99
N SER A 216 -31.44 0.94 2.54
CA SER A 216 -31.26 1.15 3.97
C SER A 216 -30.35 2.35 4.27
N ASP A 217 -29.80 2.40 5.48
CA ASP A 217 -28.90 3.48 5.88
C ASP A 217 -28.01 3.16 7.07
N SER A 218 -27.27 4.16 7.55
CA SER A 218 -26.34 3.99 8.68
C SER A 218 -27.03 3.39 9.91
N TYR A 219 -28.19 3.93 10.24
CA TYR A 219 -28.97 3.46 11.38
C TYR A 219 -29.31 1.99 11.23
N GLY A 220 -29.76 1.61 10.04
CA GLY A 220 -30.09 0.22 9.80
C GLY A 220 -28.86 -0.65 9.91
N LEU A 221 -27.70 -0.07 9.60
CA LEU A 221 -26.42 -0.79 9.66
C LEU A 221 -25.87 -0.79 11.07
N LEU A 222 -26.18 0.27 11.80
CA LEU A 222 -25.77 0.43 13.19
C LEU A 222 -26.49 -0.64 14.01
N GLY A 223 -27.79 -0.81 13.76
CA GLY A 223 -28.56 -1.80 14.49
C GLY A 223 -28.01 -3.19 14.30
N ASN A 224 -27.69 -3.53 13.05
CA ASN A 224 -27.16 -4.85 12.69
C ASN A 224 -25.85 -5.17 13.40
N SER A 225 -25.08 -4.12 13.72
CA SER A 225 -23.80 -4.31 14.37
C SER A 225 -23.94 -5.03 15.68
N VAL A 226 -24.90 -4.60 16.50
CA VAL A 226 -25.17 -5.22 17.80
C VAL A 226 -25.53 -6.72 17.69
N ASP A 227 -26.34 -7.09 16.71
CA ASP A 227 -26.72 -8.50 16.56
C ASP A 227 -25.45 -9.32 16.37
N ALA A 228 -24.53 -8.78 15.57
CA ALA A 228 -23.25 -9.45 15.27
C ALA A 228 -22.46 -9.59 16.55
N MET A 229 -22.55 -8.55 17.38
CA MET A 229 -21.86 -8.49 18.64
C MET A 229 -22.29 -9.49 19.69
N TYR A 230 -23.26 -10.35 19.37
CA TYR A 230 -23.65 -11.35 20.36
C TYR A 230 -23.55 -12.78 19.91
N ILE A 231 -23.05 -12.98 18.69
CA ILE A 231 -22.87 -14.33 18.18
C ILE A 231 -21.69 -14.91 18.94
N ARG A 232 -21.91 -16.02 19.60
CA ARG A 232 -20.87 -16.66 20.39
C ARG A 232 -19.85 -17.42 19.56
N GLU A 233 -18.59 -17.28 19.96
CA GLU A 233 -17.45 -17.94 19.32
C GLU A 233 -17.14 -17.41 17.92
N ARG A 234 -17.63 -16.22 17.61
CA ARG A 234 -17.39 -15.64 16.29
C ARG A 234 -15.91 -15.58 15.88
N LEU A 235 -15.11 -14.80 16.61
CA LEU A 235 -13.71 -14.67 16.28
C LEU A 235 -13.06 -16.03 16.13
N PRO A 236 -13.15 -16.88 17.13
CA PRO A 236 -12.51 -18.18 16.94
C PRO A 236 -13.03 -18.93 15.71
N LYS A 237 -14.27 -18.67 15.29
CA LYS A 237 -14.79 -19.34 14.08
C LYS A 237 -14.05 -18.76 12.91
N LEU A 238 -13.96 -17.43 12.87
CA LEU A 238 -13.27 -16.73 11.80
C LEU A 238 -11.83 -17.19 11.68
N ARG A 239 -11.12 -17.29 12.79
CA ARG A 239 -9.73 -17.74 12.75
C ARG A 239 -9.64 -19.15 12.13
N TYR A 240 -10.60 -20.00 12.47
CA TYR A 240 -10.64 -21.33 11.89
C TYR A 240 -10.95 -21.22 10.40
N ASP A 241 -11.75 -20.22 10.02
CA ASP A 241 -12.10 -20.03 8.63
C ASP A 241 -10.86 -19.68 7.84
N LYS A 242 -10.09 -18.71 8.35
CA LYS A 242 -8.87 -18.26 7.69
C LYS A 242 -7.84 -19.36 7.48
N GLN A 243 -7.65 -20.21 8.48
CA GLN A 243 -6.70 -21.30 8.34
C GLN A 243 -7.20 -22.31 7.28
N LEU A 244 -8.43 -22.79 7.42
CA LEU A 244 -8.99 -23.80 6.50
C LEU A 244 -8.93 -23.46 5.00
N VAL A 245 -9.32 -22.24 4.68
CA VAL A 245 -9.35 -21.76 3.32
C VAL A 245 -7.97 -21.28 2.87
N GLY A 246 -7.11 -20.94 3.82
CA GLY A 246 -5.75 -20.54 3.48
C GLY A 246 -5.26 -19.12 3.59
N VAL A 247 -6.16 -18.15 3.61
CA VAL A 247 -5.72 -16.75 3.69
C VAL A 247 -4.61 -16.49 4.73
N THR A 248 -4.46 -17.43 5.66
CA THR A 248 -3.45 -17.33 6.71
C THR A 248 -2.05 -17.33 6.04
N GLU A 249 -1.88 -18.25 5.10
CA GLU A 249 -0.63 -18.36 4.38
C GLU A 249 -0.71 -17.59 3.05
N ARG A 250 -0.94 -16.28 3.17
CA ARG A 250 -1.06 -15.31 2.07
C ARG A 250 -1.20 -13.97 2.78
N GLU A 251 -1.77 -12.96 2.15
CA GLU A 251 -1.92 -11.70 2.85
C GLU A 251 -3.06 -10.95 2.25
N SER A 252 -3.94 -10.42 3.10
CA SER A 252 -5.11 -9.69 2.65
C SER A 252 -5.48 -8.69 3.73
N TYR A 253 -6.68 -8.13 3.61
CA TYR A 253 -7.16 -7.17 4.58
C TYR A 253 -7.95 -7.85 5.68
N VAL A 254 -7.93 -9.18 5.68
CA VAL A 254 -8.62 -9.98 6.68
C VAL A 254 -8.24 -9.48 8.06
N LYS A 255 -9.18 -8.82 8.72
CA LYS A 255 -8.96 -8.25 10.05
C LYS A 255 -8.87 -9.35 11.08
N ALA A 256 -9.59 -10.42 10.82
CA ALA A 256 -9.62 -11.58 11.71
C ALA A 256 -8.29 -12.31 11.67
N ASP B 4 -45.56 9.28 17.77
CA ASP B 4 -44.82 10.57 17.97
C ASP B 4 -44.43 10.81 19.43
N GLU B 5 -45.25 10.30 20.36
CA GLU B 5 -44.97 10.44 21.78
C GLU B 5 -44.15 9.24 22.25
N GLN B 6 -44.43 8.06 21.71
CA GLN B 6 -43.67 6.85 22.06
C GLN B 6 -42.18 7.11 21.81
N GLN B 7 -41.90 7.73 20.66
CA GLN B 7 -40.55 8.08 20.25
C GLN B 7 -39.96 9.06 21.25
N SER B 8 -40.78 9.98 21.73
CA SER B 8 -40.34 10.95 22.74
C SER B 8 -40.22 10.24 24.09
N GLN B 9 -40.91 9.12 24.26
CA GLN B 9 -40.81 8.40 25.52
C GLN B 9 -39.48 7.67 25.58
N ALA B 10 -39.09 7.04 24.47
CA ALA B 10 -37.82 6.32 24.38
C ALA B 10 -36.64 7.27 24.46
N VAL B 11 -36.76 8.44 23.84
CA VAL B 11 -35.71 9.44 23.82
C VAL B 11 -35.49 10.12 25.19
N ALA B 12 -36.20 9.67 26.21
CA ALA B 12 -36.06 10.24 27.54
C ALA B 12 -34.73 9.77 28.11
N PRO B 13 -34.15 10.54 29.05
CA PRO B 13 -32.87 10.25 29.70
C PRO B 13 -32.73 8.79 30.17
N VAL B 14 -31.54 8.24 29.97
CA VAL B 14 -31.23 6.87 30.37
C VAL B 14 -30.20 7.01 31.48
N TYR B 15 -30.19 6.06 32.41
CA TYR B 15 -29.25 6.09 33.53
C TYR B 15 -28.31 4.90 33.49
N VAL B 16 -27.08 5.13 33.89
CA VAL B 16 -26.09 4.06 33.86
C VAL B 16 -25.37 3.97 35.21
N GLY B 17 -25.09 2.76 35.61
CA GLY B 17 -24.39 2.56 36.86
C GLY B 17 -23.54 1.33 36.77
N GLY B 18 -22.38 1.41 37.42
CA GLY B 18 -21.48 0.28 37.43
C GLY B 18 -20.24 0.55 38.21
N PHE B 19 -19.49 -0.53 38.45
CA PHE B 19 -18.25 -0.42 39.17
C PHE B 19 -17.21 -0.07 38.15
N LEU B 20 -16.48 0.98 38.42
CA LEU B 20 -15.39 1.45 37.57
C LEU B 20 -14.12 0.70 37.96
N ALA B 21 -14.20 -0.09 39.04
CA ALA B 21 -13.07 -0.84 39.54
C ALA B 21 -13.40 -1.66 40.77
N ARG B 22 -13.20 -2.97 40.70
CA ARG B 22 -13.46 -3.85 41.84
C ARG B 22 -12.14 -4.20 42.57
N TYR B 23 -11.81 -3.45 43.62
CA TYR B 23 -10.58 -3.63 44.41
C TYR B 23 -10.04 -5.06 44.56
N ASP B 24 -10.90 -6.05 44.66
CA ASP B 24 -10.46 -7.43 44.80
C ASP B 24 -9.98 -8.06 43.51
N GLN B 25 -9.84 -7.27 42.45
CA GLN B 25 -9.42 -7.79 41.16
C GLN B 25 -8.05 -7.31 40.72
N SER B 26 -7.20 -8.26 40.33
CA SER B 26 -5.84 -7.97 39.87
C SER B 26 -5.86 -7.79 38.36
N PRO B 27 -5.52 -6.58 37.89
CA PRO B 27 -5.50 -6.23 36.48
C PRO B 27 -4.63 -7.10 35.62
N ASP B 28 -4.91 -7.09 34.32
CA ASP B 28 -4.12 -7.84 33.37
C ASP B 28 -2.90 -6.98 32.97
N GLU B 29 -2.99 -5.68 33.24
CA GLU B 29 -1.90 -4.77 32.95
C GLU B 29 -1.66 -3.94 34.20
N ALA B 30 -0.38 -3.79 34.53
CA ALA B 30 0.04 -3.04 35.69
C ALA B 30 -0.53 -1.63 35.73
N GLU B 31 -0.60 -0.95 34.59
CA GLU B 31 -1.14 0.41 34.57
C GLU B 31 -2.62 0.49 35.02
N LEU B 32 -3.30 -0.64 35.09
CA LEU B 32 -4.70 -0.61 35.48
C LEU B 32 -4.89 -0.67 36.99
N LEU B 33 -3.79 -0.56 37.73
CA LEU B 33 -3.86 -0.59 39.17
C LEU B 33 -4.45 0.70 39.78
N LEU B 34 -5.53 0.52 40.51
CA LEU B 34 -6.21 1.63 41.18
C LEU B 34 -6.65 1.09 42.54
N PRO B 35 -5.77 1.25 43.55
CA PRO B 35 -6.03 0.79 44.91
C PRO B 35 -7.05 1.64 45.65
N ARG B 36 -7.68 1.04 46.65
CA ARG B 36 -8.67 1.73 47.45
C ARG B 36 -8.14 3.03 48.09
N ASP B 37 -6.92 3.00 48.64
CA ASP B 37 -6.35 4.20 49.28
C ASP B 37 -6.14 5.33 48.28
N VAL B 38 -5.77 4.95 47.05
CA VAL B 38 -5.55 5.92 45.98
C VAL B 38 -6.89 6.55 45.53
N VAL B 39 -7.86 5.68 45.21
CA VAL B 39 -9.20 6.12 44.79
C VAL B 39 -9.71 7.17 45.75
N GLU B 40 -9.72 6.80 47.02
CA GLU B 40 -10.19 7.69 48.07
C GLU B 40 -9.47 9.04 48.13
N HIS B 41 -8.14 9.03 48.12
CA HIS B 41 -7.40 10.27 48.16
C HIS B 41 -7.80 11.14 46.98
N TRP B 42 -7.81 10.54 45.79
CA TRP B 42 -8.17 11.20 44.54
C TRP B 42 -9.59 11.79 44.64
N LEU B 43 -10.55 10.94 45.01
CA LEU B 43 -11.95 11.30 45.21
C LEU B 43 -12.05 12.56 46.05
N HIS B 44 -11.20 12.64 47.08
CA HIS B 44 -11.17 13.78 48.00
C HIS B 44 -10.52 15.02 47.40
N ALA B 45 -9.49 14.83 46.59
CA ALA B 45 -8.78 15.94 45.95
C ALA B 45 -9.68 16.71 44.99
N GLN B 46 -10.56 15.96 44.32
CA GLN B 46 -11.51 16.52 43.37
C GLN B 46 -12.80 17.02 44.01
N LEU B 53 -17.80 15.93 44.53
CA LEU B 53 -16.95 16.41 43.43
C LEU B 53 -17.45 17.73 42.87
N SER B 54 -16.53 18.48 42.24
CA SER B 54 -16.81 19.77 41.65
C SER B 54 -17.75 19.61 40.43
N VAL B 55 -17.28 20.01 39.24
CA VAL B 55 -18.09 19.90 38.04
C VAL B 55 -18.29 18.39 37.75
N ALA B 56 -19.30 18.06 36.94
CA ALA B 56 -19.62 16.66 36.61
C ALA B 56 -18.82 16.13 35.43
N LEU B 57 -18.02 15.11 35.69
CA LEU B 57 -17.19 14.48 34.68
C LEU B 57 -18.05 14.07 33.50
N PRO B 58 -17.51 14.17 32.28
CA PRO B 58 -18.29 13.79 31.10
C PRO B 58 -18.34 12.29 30.94
N LEU B 59 -19.41 11.83 30.30
CA LEU B 59 -19.62 10.43 30.03
C LEU B 59 -19.56 10.46 28.54
N ASN B 60 -18.64 9.70 27.94
CA ASN B 60 -18.54 9.68 26.50
C ASN B 60 -18.55 8.28 25.93
N ILE B 61 -18.64 8.20 24.60
CA ILE B 61 -18.65 6.92 23.90
C ILE B 61 -17.21 6.55 23.60
N ASN B 62 -16.80 5.43 24.19
CA ASN B 62 -15.46 4.92 24.06
C ASN B 62 -14.37 5.98 24.11
N HIS B 63 -14.40 6.85 25.14
CA HIS B 63 -13.40 7.90 25.35
C HIS B 63 -13.27 9.02 24.33
N ASP B 64 -14.11 8.96 23.30
CA ASP B 64 -14.09 9.98 22.25
C ASP B 64 -14.65 11.26 22.80
N ASP B 65 -13.85 12.32 22.71
CA ASP B 65 -14.23 13.64 23.20
C ASP B 65 -15.39 14.28 22.42
N THR B 66 -15.58 13.83 21.18
CA THR B 66 -16.67 14.30 20.31
C THR B 66 -17.96 13.47 20.44
N ALA B 67 -17.95 12.48 21.33
CA ALA B 67 -19.09 11.62 21.57
C ALA B 67 -19.56 11.70 23.00
N VAL B 68 -19.57 12.89 23.56
CA VAL B 68 -20.03 13.06 24.92
C VAL B 68 -21.54 12.94 24.88
N VAL B 69 -22.08 11.96 25.61
CA VAL B 69 -23.53 11.72 25.68
C VAL B 69 -24.13 12.21 26.98
N GLY B 70 -23.32 12.34 28.01
CA GLY B 70 -23.85 12.79 29.28
C GLY B 70 -22.77 13.21 30.26
N HIS B 71 -23.04 13.00 31.54
CA HIS B 71 -22.14 13.35 32.62
C HIS B 71 -22.26 12.29 33.71
N VAL B 72 -21.25 12.18 34.55
CA VAL B 72 -21.33 11.22 35.65
C VAL B 72 -21.93 12.01 36.83
N ALA B 73 -23.03 11.48 37.36
CA ALA B 73 -23.72 12.13 38.47
C ALA B 73 -23.16 11.82 39.85
N ALA B 74 -22.68 10.60 40.05
CA ALA B 74 -22.15 10.18 41.33
C ALA B 74 -20.98 9.23 41.24
N MET B 75 -20.08 9.36 42.21
CA MET B 75 -18.87 8.53 42.33
C MET B 75 -18.75 8.13 43.81
N GLN B 76 -18.54 6.85 44.05
CA GLN B 76 -18.50 6.38 45.42
C GLN B 76 -17.68 5.11 45.64
N SER B 77 -16.63 5.26 46.44
CA SER B 77 -15.73 4.17 46.81
C SER B 77 -16.56 3.37 47.81
N VAL B 78 -16.76 2.11 47.50
CA VAL B 78 -17.54 1.21 48.34
C VAL B 78 -16.61 0.06 48.76
N ARG B 79 -17.07 -0.86 49.60
CA ARG B 79 -16.19 -1.92 50.05
C ARG B 79 -15.52 -2.72 48.96
N ASP B 80 -16.26 -3.01 47.90
CA ASP B 80 -15.75 -3.83 46.81
C ASP B 80 -15.12 -3.11 45.63
N GLY B 81 -15.11 -1.79 45.63
CA GLY B 81 -14.52 -1.08 44.52
C GLY B 81 -15.06 0.32 44.39
N LEU B 82 -15.00 0.90 43.19
CA LEU B 82 -15.53 2.25 42.97
C LEU B 82 -16.81 2.07 42.18
N PHE B 83 -17.80 2.89 42.47
CA PHE B 83 -19.09 2.79 41.80
C PHE B 83 -19.40 4.13 41.17
N CYS B 84 -20.11 4.11 40.04
CA CYS B 84 -20.47 5.38 39.41
C CYS B 84 -21.93 5.37 38.97
N LEU B 85 -22.51 6.55 38.86
CA LEU B 85 -23.89 6.68 38.46
C LEU B 85 -23.87 7.83 37.44
N GLY B 86 -24.03 7.49 36.16
CA GLY B 86 -24.02 8.51 35.13
C GLY B 86 -25.35 8.59 34.42
N CYS B 87 -25.59 9.70 33.75
CA CYS B 87 -26.84 9.92 33.04
C CYS B 87 -26.68 10.35 31.59
N VAL B 88 -27.22 9.54 30.68
CA VAL B 88 -27.21 9.82 29.25
C VAL B 88 -28.31 10.84 28.91
N THR B 89 -27.96 12.12 28.86
CA THR B 89 -28.95 13.15 28.58
C THR B 89 -28.93 13.72 27.14
N SER B 90 -28.04 13.22 26.28
CA SER B 90 -27.93 13.72 24.91
C SER B 90 -29.07 13.38 23.97
N PRO B 91 -29.87 14.38 23.56
CA PRO B 91 -31.01 14.22 22.64
C PRO B 91 -30.61 13.54 21.32
N ARG B 92 -29.59 14.07 20.65
CA ARG B 92 -29.11 13.50 19.40
C ARG B 92 -28.62 12.07 19.53
N PHE B 93 -27.84 11.79 20.56
CA PHE B 93 -27.34 10.45 20.75
C PHE B 93 -28.52 9.52 20.98
N LEU B 94 -29.41 9.93 21.88
CA LEU B 94 -30.60 9.14 22.22
C LEU B 94 -31.49 8.89 21.02
N GLU B 95 -31.49 9.84 20.09
CA GLU B 95 -32.27 9.70 18.86
C GLU B 95 -31.59 8.72 17.92
N ILE B 96 -30.26 8.81 17.82
CA ILE B 96 -29.51 7.88 16.97
C ILE B 96 -29.80 6.45 17.47
N VAL B 97 -29.74 6.28 18.79
CA VAL B 97 -29.97 4.97 19.45
C VAL B 97 -31.42 4.47 19.25
N ARG B 98 -32.36 5.40 19.29
CA ARG B 98 -33.78 5.13 19.12
C ARG B 98 -33.96 4.55 17.70
N ARG B 99 -33.41 5.28 16.73
CA ARG B 99 -33.46 4.90 15.33
C ARG B 99 -32.83 3.53 15.07
N ALA B 100 -31.58 3.37 15.49
CA ALA B 100 -30.79 2.15 15.34
C ALA B 100 -31.41 0.94 16.05
N SER B 101 -32.00 1.15 17.22
CA SER B 101 -32.63 0.08 18.00
C SER B 101 -33.75 -0.53 17.20
N GLU B 102 -34.40 0.30 16.41
CA GLU B 102 -35.49 -0.14 15.56
C GLU B 102 -35.02 -1.19 14.55
N LYS B 103 -33.73 -1.23 14.28
CA LYS B 103 -33.18 -2.14 13.32
C LYS B 103 -32.38 -3.33 13.83
N SER B 104 -32.40 -3.58 15.13
CA SER B 104 -31.65 -4.71 15.69
C SER B 104 -32.52 -5.90 16.00
N GLU B 105 -32.10 -7.09 15.60
CA GLU B 105 -32.92 -8.26 15.88
C GLU B 105 -32.71 -8.71 17.32
N LEU B 106 -31.65 -8.19 17.95
CA LEU B 106 -31.30 -8.53 19.33
C LEU B 106 -32.34 -7.83 20.17
N VAL B 107 -32.43 -6.52 19.98
CA VAL B 107 -33.39 -5.64 20.65
C VAL B 107 -34.79 -6.23 20.46
N SER B 108 -35.12 -6.59 19.22
CA SER B 108 -36.40 -7.17 18.87
C SER B 108 -36.82 -8.32 19.74
N ARG B 109 -35.89 -9.19 20.10
CA ARG B 109 -36.25 -10.34 20.92
C ARG B 109 -36.71 -9.91 22.30
N GLY B 110 -36.33 -8.70 22.67
CA GLY B 110 -36.71 -8.11 23.94
C GLY B 110 -36.06 -8.65 25.19
N PRO B 111 -36.41 -8.08 26.34
CA PRO B 111 -35.86 -8.50 27.62
C PRO B 111 -36.38 -9.83 28.15
N VAL B 112 -36.10 -10.07 29.42
CA VAL B 112 -36.53 -11.26 30.12
C VAL B 112 -37.86 -10.89 30.82
N SER B 113 -38.86 -11.71 30.51
CA SER B 113 -40.23 -11.57 30.97
C SER B 113 -40.78 -10.41 31.81
N PRO B 114 -40.59 -10.41 33.14
CA PRO B 114 -41.14 -9.31 33.96
C PRO B 114 -40.74 -7.91 33.53
N LEU B 115 -39.65 -7.83 32.79
CA LEU B 115 -39.17 -6.53 32.33
C LEU B 115 -39.85 -6.09 31.04
N GLN B 116 -40.27 -4.83 31.02
CA GLN B 116 -40.91 -4.27 29.86
C GLN B 116 -39.85 -3.88 28.83
N PRO B 117 -40.20 -3.95 27.53
CA PRO B 117 -39.25 -3.61 26.48
C PRO B 117 -38.88 -2.15 26.56
N ASP B 118 -37.62 -1.87 26.25
CA ASP B 118 -37.09 -0.52 26.25
C ASP B 118 -36.03 -0.60 25.17
N LYS B 119 -36.41 -0.30 23.93
CA LYS B 119 -35.49 -0.35 22.79
C LYS B 119 -34.19 0.43 22.97
N VAL B 120 -34.28 1.70 23.34
CA VAL B 120 -33.10 2.51 23.57
C VAL B 120 -32.23 1.88 24.65
N VAL B 121 -32.78 1.61 25.85
CA VAL B 121 -32.01 1.02 26.96
C VAL B 121 -31.43 -0.33 26.56
N GLU B 122 -32.21 -1.14 25.85
CA GLU B 122 -31.75 -2.45 25.39
C GLU B 122 -30.65 -2.35 24.32
N PHE B 123 -30.63 -1.24 23.58
CA PHE B 123 -29.60 -1.04 22.56
C PHE B 123 -28.27 -0.67 23.24
N LEU B 124 -28.32 0.36 24.07
CA LEU B 124 -27.13 0.80 24.78
C LEU B 124 -26.54 -0.37 25.59
N SER B 125 -27.39 -1.29 26.04
CA SER B 125 -26.97 -2.43 26.84
C SER B 125 -26.24 -3.52 26.10
N GLY B 126 -26.56 -3.67 24.83
CA GLY B 126 -25.90 -4.68 24.04
C GLY B 126 -24.60 -4.11 23.52
N SER B 127 -24.69 -2.89 23.00
CA SER B 127 -23.54 -2.20 22.47
C SER B 127 -22.56 -1.84 23.57
N TYR B 128 -22.86 -0.79 24.32
CA TYR B 128 -22.00 -0.29 25.38
C TYR B 128 -22.23 -1.02 26.69
N ALA B 129 -21.84 -2.29 26.71
CA ALA B 129 -22.01 -3.16 27.86
C ALA B 129 -21.01 -2.99 28.98
N GLY B 130 -20.12 -2.01 28.87
CA GLY B 130 -19.13 -1.82 29.91
C GLY B 130 -18.68 -0.39 30.09
N LEU B 131 -18.29 -0.09 31.31
CA LEU B 131 -17.81 1.23 31.68
C LEU B 131 -16.29 1.20 31.65
N SER B 132 -15.68 2.36 31.46
CA SER B 132 -14.23 2.48 31.45
C SER B 132 -13.82 3.87 31.89
N LEU B 133 -13.16 3.95 33.04
CA LEU B 133 -12.71 5.23 33.57
C LEU B 133 -11.44 5.68 32.86
N SER B 134 -11.29 7.00 32.82
CA SER B 134 -10.12 7.63 32.23
C SER B 134 -9.59 8.45 33.39
N SER B 135 -8.38 8.16 33.84
CA SER B 135 -7.82 8.89 34.96
C SER B 135 -6.31 9.06 34.90
N ARG B 136 -5.77 9.78 35.89
CA ARG B 136 -4.34 10.04 36.01
C ARG B 136 -3.53 8.76 36.07
N ARG B 137 -2.31 8.81 35.54
CA ARG B 137 -1.44 7.65 35.55
C ARG B 137 -1.07 7.31 36.99
N CYS B 138 -1.69 6.24 37.49
CA CYS B 138 -1.45 5.78 38.83
C CYS B 138 -0.33 4.76 38.76
N ASP B 139 0.91 5.24 38.91
CA ASP B 139 2.07 4.36 38.86
C ASP B 139 2.82 4.32 40.21
N ASP B 140 3.49 3.19 40.44
CA ASP B 140 4.21 2.95 41.69
C ASP B 140 5.02 4.12 42.21
N VAL B 141 4.74 4.45 43.48
CA VAL B 141 5.41 5.50 44.27
C VAL B 141 4.69 6.84 44.50
N GLU B 142 3.54 7.03 43.87
CA GLU B 142 2.75 8.26 44.03
C GLU B 142 1.26 7.95 44.00
N GLN B 143 0.46 8.83 44.58
CA GLN B 143 -0.98 8.67 44.58
C GLN B 143 -1.64 9.86 45.27
N THR B 152 -7.02 19.62 42.52
CA THR B 152 -6.55 18.68 41.50
C THR B 152 -7.72 17.85 40.94
N THR B 153 -7.51 17.22 39.78
CA THR B 153 -8.55 16.45 39.14
C THR B 153 -8.05 15.17 38.47
N PRO B 154 -7.75 14.14 39.27
CA PRO B 154 -7.27 12.84 38.77
C PRO B 154 -8.25 12.04 37.94
N PHE B 155 -9.55 12.22 38.19
CA PHE B 155 -10.61 11.54 37.44
C PHE B 155 -10.99 12.47 36.29
N LYS B 156 -10.72 12.03 35.07
CA LYS B 156 -10.99 12.80 33.88
C LYS B 156 -12.38 12.61 33.27
N HIS B 157 -12.76 11.37 33.01
CA HIS B 157 -14.06 11.10 32.43
C HIS B 157 -14.33 9.61 32.44
N VAL B 158 -15.59 9.25 32.22
CA VAL B 158 -15.98 7.85 32.21
C VAL B 158 -16.37 7.61 30.76
N ALA B 159 -16.25 6.37 30.29
CA ALA B 159 -16.54 6.07 28.91
C ALA B 159 -17.36 4.84 28.77
N LEU B 160 -18.36 4.88 27.89
CA LEU B 160 -19.23 3.73 27.67
C LEU B 160 -18.60 2.95 26.56
N CYS B 161 -18.38 1.65 26.76
CA CYS B 161 -17.75 0.86 25.72
C CYS B 161 -18.16 -0.60 25.71
N SER B 162 -17.83 -1.29 24.64
CA SER B 162 -18.19 -2.69 24.51
C SER B 162 -17.78 -3.51 25.71
N VAL B 163 -16.57 -3.32 26.18
CA VAL B 163 -16.02 -4.01 27.35
C VAL B 163 -15.07 -3.06 28.03
N GLY B 164 -14.63 -3.42 29.23
CA GLY B 164 -13.69 -2.58 29.96
C GLY B 164 -12.35 -3.28 30.07
N ARG B 165 -11.31 -2.53 30.36
CA ARG B 165 -10.00 -3.14 30.52
C ARG B 165 -9.90 -3.73 31.94
N ARG B 166 -10.65 -3.14 32.87
CA ARG B 166 -10.70 -3.58 34.26
C ARG B 166 -11.98 -4.42 34.41
N ARG B 167 -11.84 -5.66 34.88
CA ARG B 167 -12.98 -6.57 35.05
C ARG B 167 -13.97 -6.13 36.14
N GLY B 168 -15.22 -6.58 35.99
CA GLY B 168 -16.27 -6.24 36.93
C GLY B 168 -16.90 -4.88 36.72
N THR B 169 -16.65 -4.27 35.57
CA THR B 169 -17.17 -2.95 35.22
C THR B 169 -18.39 -3.01 34.28
N LEU B 170 -19.23 -4.03 34.44
CA LEU B 170 -20.43 -4.18 33.63
C LEU B 170 -21.25 -2.91 33.69
N ALA B 171 -21.93 -2.57 32.60
CA ALA B 171 -22.75 -1.37 32.62
C ALA B 171 -24.23 -1.75 32.68
N VAL B 172 -24.89 -1.28 33.74
CA VAL B 172 -26.32 -1.54 33.98
C VAL B 172 -27.09 -0.28 33.60
N TYR B 173 -27.88 -0.37 32.52
CA TYR B 173 -28.68 0.75 32.01
C TYR B 173 -30.13 0.68 32.44
N GLY B 174 -30.68 1.84 32.79
CA GLY B 174 -32.06 1.90 33.24
C GLY B 174 -32.61 3.31 33.18
N ARG B 175 -33.93 3.41 33.23
CA ARG B 175 -34.60 4.71 33.16
C ARG B 175 -34.73 5.39 34.53
N ASP B 176 -34.44 4.63 35.57
CA ASP B 176 -34.54 5.10 36.95
C ASP B 176 -33.23 4.81 37.72
N PRO B 177 -32.58 5.86 38.28
CA PRO B 177 -31.33 5.68 39.03
C PRO B 177 -31.48 4.76 40.24
N GLU B 178 -32.69 4.64 40.76
CA GLU B 178 -32.96 3.77 41.89
C GLU B 178 -32.90 2.36 41.39
N TRP B 179 -33.59 2.14 40.28
CA TRP B 179 -33.68 0.83 39.67
C TRP B 179 -32.32 0.29 39.36
N VAL B 180 -31.55 1.00 38.55
CA VAL B 180 -30.19 0.53 38.23
C VAL B 180 -29.36 0.26 39.49
N MET B 181 -29.38 1.19 40.43
CA MET B 181 -28.62 1.02 41.66
C MET B 181 -28.98 -0.27 42.35
N GLN B 182 -30.26 -0.61 42.42
CA GLN B 182 -30.70 -1.85 43.09
C GLN B 182 -30.28 -3.13 42.38
N ARG B 183 -29.72 -3.01 41.18
CA ARG B 183 -29.33 -4.19 40.42
C ARG B 183 -28.10 -4.92 40.97
N PHE B 184 -27.25 -4.16 41.65
CA PHE B 184 -26.01 -4.66 42.21
C PHE B 184 -26.17 -5.11 43.65
N PRO B 185 -26.16 -6.44 43.88
CA PRO B 185 -26.30 -7.01 45.20
C PRO B 185 -25.34 -6.44 46.23
N ASP B 186 -24.13 -6.09 45.79
CA ASP B 186 -23.08 -5.58 46.69
C ASP B 186 -23.39 -4.28 47.43
N LEU B 187 -23.98 -3.30 46.73
CA LEU B 187 -24.27 -2.02 47.36
C LEU B 187 -25.10 -2.16 48.62
N THR B 188 -24.96 -1.23 49.54
CA THR B 188 -25.72 -1.28 50.78
C THR B 188 -26.48 0.03 50.93
N ALA B 189 -27.50 0.05 51.78
CA ALA B 189 -28.30 1.26 52.00
C ALA B 189 -27.43 2.50 52.18
N ALA B 190 -26.40 2.34 53.00
CA ALA B 190 -25.47 3.43 53.27
C ALA B 190 -24.79 3.86 51.99
N ASP B 191 -24.43 2.87 51.16
CA ASP B 191 -23.78 3.12 49.86
C ASP B 191 -24.70 3.97 49.02
N ARG B 192 -25.87 3.43 48.74
CA ARG B 192 -26.86 4.12 47.93
C ARG B 192 -27.16 5.52 48.45
N ASP B 193 -27.05 5.72 49.77
CA ASP B 193 -27.30 7.04 50.36
C ASP B 193 -26.28 8.01 49.81
N GLY B 194 -25.02 7.63 49.97
CA GLY B 194 -23.91 8.46 49.53
C GLY B 194 -24.05 8.86 48.08
N LEU B 195 -24.44 7.88 47.28
CA LEU B 195 -24.65 8.09 45.88
C LEU B 195 -25.82 9.06 45.65
N ARG B 196 -26.99 8.70 46.19
CA ARG B 196 -28.21 9.49 46.04
C ARG B 196 -27.99 10.92 46.42
N ALA B 197 -27.29 11.13 47.52
CA ALA B 197 -26.98 12.47 48.00
C ALA B 197 -26.15 13.21 46.92
N GLN B 198 -25.33 12.47 46.20
CA GLN B 198 -24.53 13.06 45.15
C GLN B 198 -25.42 13.61 44.04
N TRP B 199 -26.32 12.78 43.46
CA TRP B 199 -27.23 13.30 42.41
C TRP B 199 -28.25 14.27 43.01
N GLN B 200 -28.53 14.09 44.29
CA GLN B 200 -29.44 14.96 45.01
C GLN B 200 -28.69 16.21 45.47
N SER B 210 -24.33 23.73 28.11
CA SER B 210 -24.91 24.43 26.96
C SER B 210 -25.66 23.54 26.00
N GLY B 211 -26.60 22.77 26.54
CA GLY B 211 -27.44 21.91 25.72
C GLY B 211 -26.97 20.49 25.49
N ASP B 212 -26.89 20.13 24.21
CA ASP B 212 -26.48 18.81 23.76
C ASP B 212 -24.98 18.77 23.48
N PRO B 213 -24.26 17.98 24.28
CA PRO B 213 -22.81 17.79 24.21
C PRO B 213 -22.27 16.91 23.07
N PHE B 214 -23.13 16.07 22.50
CA PHE B 214 -22.75 15.15 21.41
C PHE B 214 -22.27 15.89 20.15
N ARG B 215 -21.08 15.53 19.68
CA ARG B 215 -20.53 16.17 18.50
C ARG B 215 -20.06 15.14 17.51
N SER B 216 -20.85 14.09 17.34
CA SER B 216 -20.55 13.02 16.42
C SER B 216 -21.86 12.58 15.77
N ASP B 217 -21.92 11.37 15.26
CA ASP B 217 -23.13 10.90 14.61
C ASP B 217 -23.16 9.40 14.30
N SER B 218 -24.21 8.97 13.61
CA SER B 218 -24.37 7.56 13.27
C SER B 218 -23.15 6.97 12.56
N TYR B 219 -22.51 7.73 11.69
CA TYR B 219 -21.32 7.18 11.02
C TYR B 219 -20.26 6.99 12.10
N GLY B 220 -20.13 8.00 12.95
CA GLY B 220 -19.17 7.92 14.03
C GLY B 220 -19.34 6.65 14.86
N LEU B 221 -20.57 6.35 15.24
CA LEU B 221 -20.86 5.17 16.04
C LEU B 221 -20.81 3.88 15.20
N LEU B 222 -21.15 3.99 13.93
CA LEU B 222 -21.11 2.82 13.07
C LEU B 222 -19.64 2.42 13.07
N GLY B 223 -18.76 3.42 12.88
CA GLY B 223 -17.32 3.20 12.84
C GLY B 223 -16.76 2.52 14.08
N ASN B 224 -17.22 2.99 15.21
CA ASN B 224 -16.80 2.45 16.48
C ASN B 224 -17.22 1.02 16.62
N SER B 225 -18.36 0.67 16.07
CA SER B 225 -18.89 -0.69 16.15
C SER B 225 -17.91 -1.76 15.71
N VAL B 226 -17.04 -1.44 14.75
CA VAL B 226 -16.06 -2.41 14.26
C VAL B 226 -14.91 -2.62 15.24
N ASP B 227 -14.51 -1.57 15.92
CA ASP B 227 -13.43 -1.67 16.88
C ASP B 227 -13.83 -2.73 17.89
N ALA B 228 -14.94 -2.51 18.56
CA ALA B 228 -15.44 -3.45 19.55
C ALA B 228 -15.52 -4.88 19.04
N MET B 229 -15.73 -5.06 17.74
CA MET B 229 -15.84 -6.41 17.19
C MET B 229 -14.53 -7.22 17.12
N TYR B 230 -13.41 -6.59 17.42
CA TYR B 230 -12.16 -7.32 17.38
C TYR B 230 -11.44 -7.48 18.70
N ILE B 231 -12.08 -6.99 19.76
CA ILE B 231 -11.57 -7.10 21.13
C ILE B 231 -11.74 -8.56 21.54
N ARG B 232 -10.62 -9.22 21.83
CA ARG B 232 -10.63 -10.63 22.18
C ARG B 232 -11.39 -10.91 23.46
N GLU B 233 -12.06 -12.06 23.49
CA GLU B 233 -12.82 -12.55 24.63
C GLU B 233 -13.74 -11.56 25.31
N ARG B 234 -14.36 -10.70 24.52
CA ARG B 234 -15.28 -9.70 25.03
C ARG B 234 -16.46 -10.35 25.77
N LEU B 235 -17.21 -11.19 25.09
CA LEU B 235 -18.36 -11.85 25.74
C LEU B 235 -17.95 -12.62 27.01
N PRO B 236 -16.89 -13.46 26.94
CA PRO B 236 -16.47 -14.19 28.14
C PRO B 236 -16.15 -13.23 29.28
N LYS B 237 -15.60 -12.06 28.96
CA LYS B 237 -15.30 -11.11 30.01
C LYS B 237 -16.60 -10.62 30.62
N LEU B 238 -17.56 -10.28 29.76
CA LEU B 238 -18.86 -9.77 30.21
C LEU B 238 -19.65 -10.70 31.11
N ARG B 239 -19.58 -11.99 30.86
CA ARG B 239 -20.28 -12.93 31.73
C ARG B 239 -19.52 -12.99 33.06
N TYR B 240 -18.18 -12.97 32.98
CA TYR B 240 -17.33 -13.01 34.17
C TYR B 240 -17.72 -11.80 34.99
N ASP B 241 -17.89 -10.68 34.31
CA ASP B 241 -18.25 -9.47 34.99
C ASP B 241 -19.65 -9.55 35.58
N LYS B 242 -20.60 -10.11 34.81
CA LYS B 242 -21.99 -10.27 35.25
C LYS B 242 -22.00 -11.05 36.55
N GLN B 243 -21.46 -12.26 36.49
CA GLN B 243 -21.36 -13.11 37.68
C GLN B 243 -20.70 -12.35 38.82
N LEU B 244 -19.48 -11.87 38.61
CA LEU B 244 -18.79 -11.15 39.66
C LEU B 244 -19.63 -10.12 40.40
N VAL B 245 -20.16 -9.15 39.66
CA VAL B 245 -20.96 -8.07 40.25
C VAL B 245 -22.32 -8.53 40.74
N GLY B 246 -22.73 -9.72 40.31
CA GLY B 246 -23.99 -10.27 40.76
C GLY B 246 -25.26 -9.99 40.00
N VAL B 247 -25.17 -9.24 38.89
CA VAL B 247 -26.33 -8.91 38.04
C VAL B 247 -26.99 -10.19 37.44
N THR B 248 -26.34 -11.32 37.68
CA THR B 248 -26.85 -12.61 37.25
C THR B 248 -28.04 -12.89 38.17
N GLU B 249 -27.77 -12.82 39.49
CA GLU B 249 -28.76 -13.06 40.54
C GLU B 249 -29.71 -11.86 40.72
N ARG B 250 -30.17 -11.27 39.62
CA ARG B 250 -31.08 -10.11 39.65
C ARG B 250 -31.62 -10.08 38.25
N GLU B 251 -32.17 -8.95 37.81
CA GLU B 251 -32.63 -8.88 36.44
C GLU B 251 -32.61 -7.48 35.87
N SER B 252 -32.18 -7.39 34.61
CA SER B 252 -32.06 -6.11 33.94
C SER B 252 -32.13 -6.36 32.44
N TYR B 253 -31.67 -5.37 31.68
CA TYR B 253 -31.64 -5.47 30.24
C TYR B 253 -30.24 -5.87 29.79
N VAL B 254 -29.43 -6.40 30.71
CA VAL B 254 -28.08 -6.82 30.36
C VAL B 254 -28.24 -7.87 29.28
N LYS B 255 -27.55 -7.68 28.15
CA LYS B 255 -27.64 -8.62 27.03
C LYS B 255 -26.44 -9.57 27.02
N ALA B 256 -25.42 -9.25 27.81
CA ALA B 256 -24.23 -10.08 27.90
C ALA B 256 -24.50 -11.31 28.72
N ASP C 4 43.72 20.77 -10.82
CA ASP C 4 43.09 22.03 -10.33
C ASP C 4 42.57 22.85 -11.50
N GLU C 5 43.39 22.99 -12.54
CA GLU C 5 43.00 23.73 -13.74
C GLU C 5 42.35 22.80 -14.77
N GLN C 6 42.83 21.56 -14.82
CA GLN C 6 42.28 20.55 -15.72
C GLN C 6 40.76 20.48 -15.54
N GLN C 7 40.33 20.24 -14.31
CA GLN C 7 38.91 20.14 -13.99
C GLN C 7 38.21 21.41 -14.46
N SER C 8 38.79 22.57 -14.20
CA SER C 8 38.21 23.83 -14.64
C SER C 8 38.10 23.81 -16.18
N GLN C 9 39.06 23.15 -16.82
CA GLN C 9 39.04 23.04 -18.27
C GLN C 9 37.79 22.25 -18.67
N ALA C 10 37.42 21.28 -17.83
CA ALA C 10 36.25 20.43 -18.06
C ALA C 10 34.92 21.14 -17.72
N VAL C 11 34.98 22.03 -16.73
CA VAL C 11 33.81 22.78 -16.30
C VAL C 11 33.55 23.97 -17.28
N ALA C 12 34.20 23.94 -18.45
CA ALA C 12 34.01 24.99 -19.45
C ALA C 12 32.68 24.71 -20.14
N PRO C 13 32.10 25.72 -20.82
CA PRO C 13 30.82 25.54 -21.52
C PRO C 13 30.85 24.39 -22.51
N VAL C 14 29.69 23.75 -22.69
CA VAL C 14 29.51 22.63 -23.61
C VAL C 14 28.29 22.94 -24.48
N TYR C 15 28.53 22.98 -25.79
CA TYR C 15 27.50 23.28 -26.77
C TYR C 15 26.76 22.03 -27.15
N VAL C 16 25.55 22.20 -27.66
CA VAL C 16 24.73 21.07 -28.06
C VAL C 16 23.85 21.51 -29.21
N GLY C 17 23.65 20.60 -30.15
CA GLY C 17 22.80 20.93 -31.28
C GLY C 17 22.13 19.69 -31.77
N GLY C 18 21.05 19.87 -32.50
CA GLY C 18 20.36 18.72 -33.03
C GLY C 18 19.01 19.12 -33.58
N PHE C 19 18.41 18.19 -34.32
CA PHE C 19 17.12 18.42 -34.91
C PHE C 19 16.12 18.25 -33.81
N LEU C 20 15.30 19.29 -33.60
CA LEU C 20 14.25 19.26 -32.62
C LEU C 20 13.07 18.51 -33.26
N ALA C 21 13.12 18.37 -34.58
CA ALA C 21 12.08 17.70 -35.35
C ALA C 21 12.52 17.53 -36.80
N ARG C 22 12.24 16.35 -37.35
CA ARG C 22 12.58 16.07 -38.75
C ARG C 22 11.31 16.02 -39.60
N TYR C 23 11.01 17.10 -40.31
CA TYR C 23 9.84 17.22 -41.18
C TYR C 23 9.37 15.95 -41.96
N ASP C 24 10.30 15.06 -42.29
CA ASP C 24 10.01 13.83 -43.03
C ASP C 24 9.66 12.65 -42.16
N GLN C 25 9.36 12.89 -40.89
CA GLN C 25 9.03 11.81 -39.96
C GLN C 25 7.61 11.82 -39.45
N SER C 26 6.91 10.71 -39.57
CA SER C 26 5.55 10.65 -39.06
C SER C 26 5.60 10.18 -37.62
N PRO C 27 5.28 11.09 -36.70
CA PRO C 27 5.27 10.88 -35.24
C PRO C 27 4.46 9.65 -34.84
N ASP C 28 4.80 9.04 -33.71
CA ASP C 28 4.07 7.87 -33.25
C ASP C 28 2.80 8.28 -32.53
N GLU C 29 2.79 9.48 -32.00
CA GLU C 29 1.64 10.01 -31.32
C GLU C 29 1.24 11.25 -32.14
N ALA C 30 -0.06 11.40 -32.40
CA ALA C 30 -0.58 12.53 -33.17
C ALA C 30 -0.12 13.87 -32.64
N GLU C 31 -0.23 14.07 -31.32
CA GLU C 31 0.17 15.34 -30.69
C GLU C 31 1.60 15.83 -30.99
N LEU C 32 2.41 14.99 -31.62
CA LEU C 32 3.79 15.37 -31.95
C LEU C 32 3.92 16.07 -33.29
N LEU C 33 2.83 16.11 -34.06
CA LEU C 33 2.85 16.75 -35.38
C LEU C 33 3.33 18.21 -35.28
N LEU C 34 4.28 18.57 -36.13
CA LEU C 34 4.81 19.92 -36.12
C LEU C 34 5.29 20.18 -37.54
N PRO C 35 4.35 20.50 -38.44
CA PRO C 35 4.56 20.79 -39.86
C PRO C 35 5.48 21.94 -40.07
N ARG C 36 6.19 21.92 -41.19
CA ARG C 36 7.11 22.99 -41.55
C ARG C 36 6.48 24.38 -41.48
N ASP C 37 5.29 24.54 -42.06
CA ASP C 37 4.65 25.85 -42.07
C ASP C 37 4.22 26.32 -40.70
N VAL C 38 3.98 25.38 -39.80
CA VAL C 38 3.58 25.71 -38.42
C VAL C 38 4.77 26.32 -37.67
N VAL C 39 5.91 25.60 -37.73
CA VAL C 39 7.18 26.02 -37.10
C VAL C 39 7.51 27.41 -37.64
N GLU C 40 7.68 27.49 -38.96
CA GLU C 40 7.96 28.73 -39.68
C GLU C 40 7.14 29.91 -39.13
N HIS C 41 5.83 29.71 -39.08
CA HIS C 41 4.90 30.71 -38.56
C HIS C 41 5.22 31.02 -37.08
N TRP C 42 5.44 29.97 -36.30
CA TRP C 42 5.76 30.15 -34.90
C TRP C 42 7.02 30.98 -34.72
N LEU C 43 8.12 30.52 -35.34
CA LEU C 43 9.44 31.18 -35.30
C LEU C 43 9.29 32.67 -35.49
N HIS C 44 8.66 33.05 -36.60
CA HIS C 44 8.44 34.46 -36.92
C HIS C 44 7.70 35.19 -35.78
N ALA C 45 6.57 34.61 -35.36
CA ALA C 45 5.74 35.17 -34.28
C ALA C 45 6.59 35.49 -33.05
N GLN C 46 7.42 34.52 -32.66
CA GLN C 46 8.33 34.61 -31.52
C GLN C 46 9.52 35.56 -31.84
N LEU C 53 14.09 35.31 -32.62
CA LEU C 53 13.73 35.06 -31.22
C LEU C 53 14.16 36.22 -30.33
N SER C 54 13.35 36.52 -29.33
CA SER C 54 13.71 37.58 -28.40
C SER C 54 14.53 36.92 -27.28
N VAL C 55 13.99 36.87 -26.06
CA VAL C 55 14.65 36.22 -24.92
C VAL C 55 15.05 34.83 -25.37
N ALA C 56 16.16 34.30 -24.84
CA ALA C 56 16.64 32.96 -25.21
C ALA C 56 15.98 31.84 -24.41
N LEU C 57 15.36 30.91 -25.12
CA LEU C 57 14.71 29.77 -24.49
C LEU C 57 15.67 29.11 -23.51
N PRO C 58 15.16 28.57 -22.40
CA PRO C 58 16.03 27.90 -21.43
C PRO C 58 16.21 26.46 -21.88
N LEU C 59 17.32 25.88 -21.45
CA LEU C 59 17.67 24.50 -21.76
C LEU C 59 17.71 23.84 -20.39
N ASN C 60 16.89 22.81 -20.20
CA ASN C 60 16.87 22.12 -18.90
C ASN C 60 16.95 20.60 -19.01
N ILE C 61 17.22 19.96 -17.90
CA ILE C 61 17.31 18.51 -17.93
C ILE C 61 15.90 17.95 -17.91
N ASN C 62 15.58 17.18 -18.92
CA ASN C 62 14.27 16.57 -19.11
C ASN C 62 13.09 17.41 -18.66
N HIS C 63 12.97 18.61 -19.19
CA HIS C 63 11.86 19.48 -18.87
C HIS C 63 11.66 19.97 -17.45
N ASP C 64 12.51 19.57 -16.50
CA ASP C 64 12.30 20.05 -15.13
C ASP C 64 12.77 21.49 -15.02
N ASP C 65 11.86 22.33 -14.57
CA ASP C 65 12.13 23.75 -14.44
C ASP C 65 13.21 24.07 -13.43
N THR C 66 13.49 23.15 -12.51
CA THR C 66 14.52 23.34 -11.48
C THR C 66 15.87 22.82 -11.90
N ALA C 67 15.97 22.36 -13.13
CA ALA C 67 17.22 21.81 -13.66
C ALA C 67 17.61 22.52 -14.96
N VAL C 68 17.56 23.85 -14.96
CA VAL C 68 17.96 24.62 -16.13
C VAL C 68 19.51 24.67 -16.17
N VAL C 69 20.08 24.08 -17.22
CA VAL C 69 21.52 24.03 -17.40
C VAL C 69 22.05 25.12 -18.31
N GLY C 70 21.20 25.73 -19.12
CA GLY C 70 21.69 26.76 -20.01
C GLY C 70 20.57 27.37 -20.82
N HIS C 71 20.87 27.77 -22.06
CA HIS C 71 19.90 28.39 -22.96
C HIS C 71 20.10 27.94 -24.41
N VAL C 72 19.11 28.17 -25.25
CA VAL C 72 19.22 27.82 -26.66
C VAL C 72 19.64 29.10 -27.39
N ALA C 73 20.78 29.03 -28.11
CA ALA C 73 21.34 30.17 -28.83
C ALA C 73 20.83 30.44 -30.25
N ALA C 74 20.30 29.41 -30.92
CA ALA C 74 19.82 29.57 -32.27
C ALA C 74 18.81 28.50 -32.59
N MET C 75 17.79 28.89 -33.34
CA MET C 75 16.76 27.93 -33.78
C MET C 75 16.52 28.25 -35.24
N GLN C 76 16.46 27.21 -36.06
CA GLN C 76 16.31 27.43 -37.46
C GLN C 76 15.63 26.28 -38.18
N SER C 77 14.68 26.63 -39.05
CA SER C 77 13.95 25.67 -39.87
C SER C 77 14.80 25.48 -41.13
N VAL C 78 15.32 24.27 -41.34
CA VAL C 78 16.14 23.99 -42.51
C VAL C 78 15.30 23.13 -43.46
N ARG C 79 15.91 22.55 -44.48
CA ARG C 79 15.16 21.73 -45.42
C ARG C 79 14.48 20.55 -44.74
N ASP C 80 15.23 19.81 -43.95
CA ASP C 80 14.67 18.61 -43.30
C ASP C 80 13.98 18.71 -41.95
N GLY C 81 14.11 19.85 -41.28
CA GLY C 81 13.48 19.98 -39.98
C GLY C 81 13.94 21.21 -39.24
N LEU C 82 13.64 21.25 -37.95
CA LEU C 82 14.04 22.38 -37.11
C LEU C 82 15.37 22.03 -36.44
N PHE C 83 16.27 22.99 -36.33
CA PHE C 83 17.55 22.74 -35.71
C PHE C 83 17.75 23.80 -34.65
N CYS C 84 18.40 23.41 -33.55
CA CYS C 84 18.68 24.33 -32.44
C CYS C 84 20.13 24.18 -32.01
N LEU C 85 20.67 25.27 -31.47
CA LEU C 85 22.04 25.27 -31.02
C LEU C 85 21.96 25.87 -29.64
N GLY C 86 22.18 25.03 -28.62
CA GLY C 86 22.13 25.49 -27.25
C GLY C 86 23.46 25.38 -26.56
N CYS C 87 23.59 26.02 -25.41
CA CYS C 87 24.82 26.04 -24.64
C CYS C 87 24.67 25.70 -23.16
N VAL C 88 25.34 24.63 -22.72
CA VAL C 88 25.34 24.21 -21.31
C VAL C 88 26.32 25.15 -20.58
N THR C 89 25.78 26.06 -19.76
CA THR C 89 26.58 27.05 -19.05
C THR C 89 26.57 26.95 -17.51
N SER C 90 25.65 26.17 -16.96
CA SER C 90 25.53 26.03 -15.50
C SER C 90 26.76 25.45 -14.83
N PRO C 91 27.44 26.25 -14.01
CA PRO C 91 28.62 25.84 -13.27
C PRO C 91 28.37 24.65 -12.37
N ARG C 92 27.22 24.67 -11.67
CA ARG C 92 26.77 23.60 -10.75
C ARG C 92 26.62 22.29 -11.49
N PHE C 93 25.77 22.31 -12.50
CA PHE C 93 25.50 21.14 -13.34
C PHE C 93 26.80 20.62 -13.90
N LEU C 94 27.54 21.48 -14.60
CA LEU C 94 28.82 21.05 -15.18
C LEU C 94 29.71 20.37 -14.14
N GLU C 95 29.70 20.92 -12.91
CA GLU C 95 30.51 20.34 -11.84
C GLU C 95 29.97 18.95 -11.47
N ILE C 96 28.66 18.83 -11.33
CA ILE C 96 28.01 17.54 -11.01
C ILE C 96 28.43 16.55 -12.11
N VAL C 97 28.37 17.00 -13.36
CA VAL C 97 28.69 16.19 -14.52
C VAL C 97 30.13 15.68 -14.49
N ARG C 98 31.07 16.58 -14.21
CA ARG C 98 32.50 16.24 -14.14
C ARG C 98 32.78 15.25 -13.01
N ARG C 99 32.18 15.48 -11.86
CA ARG C 99 32.32 14.62 -10.71
C ARG C 99 31.89 13.19 -11.02
N ALA C 100 30.73 13.05 -11.67
CA ALA C 100 30.17 11.75 -12.05
C ALA C 100 30.87 11.10 -13.22
N SER C 101 31.41 11.90 -14.14
CA SER C 101 32.15 11.37 -15.28
C SER C 101 33.39 10.60 -14.85
N GLU C 102 33.92 10.94 -13.68
CA GLU C 102 35.09 10.27 -13.12
C GLU C 102 34.71 8.90 -12.57
N LYS C 103 33.41 8.58 -12.60
CA LYS C 103 32.96 7.32 -12.05
C LYS C 103 32.30 6.40 -13.06
N SER C 104 32.26 6.83 -14.32
CA SER C 104 31.64 6.03 -15.37
C SER C 104 32.65 5.27 -16.19
N GLU C 105 32.49 3.97 -16.31
CA GLU C 105 33.39 3.15 -17.08
C GLU C 105 33.16 3.42 -18.57
N LEU C 106 31.95 3.86 -18.93
CA LEU C 106 31.65 4.15 -20.32
C LEU C 106 32.57 5.31 -20.74
N VAL C 107 32.53 6.35 -19.93
CA VAL C 107 33.33 7.53 -20.16
C VAL C 107 34.80 7.17 -20.14
N SER C 108 35.16 6.23 -19.27
CA SER C 108 36.53 5.78 -19.12
C SER C 108 37.06 5.03 -20.33
N ARG C 109 36.17 4.47 -21.14
CA ARG C 109 36.61 3.78 -22.34
C ARG C 109 37.00 4.76 -23.45
N GLY C 110 36.68 6.04 -23.23
CA GLY C 110 37.03 7.07 -24.21
C GLY C 110 36.27 7.07 -25.52
N PRO C 111 36.52 8.06 -26.38
CA PRO C 111 35.87 8.19 -27.67
C PRO C 111 36.45 7.25 -28.70
N VAL C 112 36.25 7.60 -29.96
CA VAL C 112 36.74 6.82 -31.08
C VAL C 112 37.92 7.56 -31.67
N SER C 113 39.03 6.84 -31.75
CA SER C 113 40.34 7.28 -32.24
C SER C 113 40.77 8.73 -32.36
N PRO C 114 40.49 9.41 -33.49
CA PRO C 114 40.91 10.82 -33.69
C PRO C 114 40.45 11.85 -32.69
N LEU C 115 39.40 11.53 -31.95
CA LEU C 115 38.90 12.47 -30.98
C LEU C 115 39.57 12.31 -29.62
N GLN C 116 39.76 13.43 -28.94
CA GLN C 116 40.36 13.38 -27.63
C GLN C 116 39.29 13.22 -26.56
N PRO C 117 39.61 12.49 -25.47
CA PRO C 117 38.62 12.29 -24.42
C PRO C 117 38.18 13.65 -23.91
N ASP C 118 36.95 13.69 -23.41
CA ASP C 118 36.32 14.89 -22.89
C ASP C 118 35.28 14.29 -21.95
N LYS C 119 35.65 13.95 -20.72
CA LYS C 119 34.70 13.30 -19.79
C LYS C 119 33.31 13.95 -19.62
N VAL C 120 33.27 15.26 -19.41
CA VAL C 120 32.01 16.00 -19.27
C VAL C 120 31.17 15.80 -20.53
N VAL C 121 31.72 16.20 -21.69
CA VAL C 121 31.04 16.07 -22.99
C VAL C 121 30.61 14.61 -23.23
N GLU C 122 31.42 13.67 -22.78
CA GLU C 122 31.15 12.24 -22.91
C GLU C 122 30.07 11.74 -21.98
N PHE C 123 29.89 12.42 -20.87
CA PHE C 123 28.87 12.03 -19.90
C PHE C 123 27.51 12.54 -20.38
N LEU C 124 27.46 13.82 -20.75
CA LEU C 124 26.22 14.40 -21.27
C LEU C 124 25.76 13.57 -22.49
N SER C 125 26.71 13.15 -23.33
CA SER C 125 26.41 12.33 -24.52
C SER C 125 25.81 10.98 -24.15
N GLY C 126 26.28 10.40 -23.07
CA GLY C 126 25.77 9.11 -22.65
C GLY C 126 24.38 9.27 -22.07
N SER C 127 24.26 10.12 -21.05
CA SER C 127 22.99 10.37 -20.39
C SER C 127 21.95 11.07 -21.24
N TYR C 128 22.17 12.34 -21.52
CA TYR C 128 21.24 13.12 -22.27
C TYR C 128 21.52 13.05 -23.75
N ALA C 129 21.28 11.88 -24.32
CA ALA C 129 21.50 11.63 -25.73
C ALA C 129 20.37 12.11 -26.64
N GLY C 130 19.42 12.84 -26.08
CA GLY C 130 18.30 13.28 -26.89
C GLY C 130 17.91 14.69 -26.60
N LEU C 131 17.28 15.29 -27.59
CA LEU C 131 16.85 16.67 -27.52
C LEU C 131 15.32 16.62 -27.59
N SER C 132 14.66 17.36 -26.72
CA SER C 132 13.22 17.37 -26.76
C SER C 132 12.64 18.75 -26.53
N LEU C 133 11.96 19.26 -27.55
CA LEU C 133 11.31 20.57 -27.50
C LEU C 133 10.02 20.53 -26.67
N SER C 134 9.69 21.68 -26.08
CA SER C 134 8.48 21.85 -25.29
C SER C 134 7.79 22.98 -26.05
N SER C 135 6.58 22.75 -26.53
CA SER C 135 5.90 23.78 -27.29
C SER C 135 4.39 23.80 -27.13
N ARG C 136 3.76 24.78 -27.78
CA ARG C 136 2.32 24.97 -27.80
C ARG C 136 1.62 23.69 -28.26
N ARG C 137 0.40 23.46 -27.77
CA ARG C 137 -0.34 22.26 -28.18
C ARG C 137 -0.81 22.45 -29.62
N CYS C 138 0.03 21.98 -30.53
CA CYS C 138 -0.20 22.08 -31.96
C CYS C 138 -1.14 20.98 -32.46
N ASP C 139 -2.45 21.23 -32.36
CA ASP C 139 -3.49 20.29 -32.78
C ASP C 139 -4.32 20.78 -33.98
N ASP C 140 -4.89 19.83 -34.69
CA ASP C 140 -5.69 20.08 -35.90
C ASP C 140 -6.60 21.30 -35.84
N VAL C 141 -6.48 22.14 -36.89
CA VAL C 141 -7.30 23.34 -37.11
C VAL C 141 -6.93 24.72 -36.51
N GLU C 142 -5.67 24.89 -36.10
CA GLU C 142 -5.14 26.17 -35.58
C GLU C 142 -3.63 26.09 -35.79
N GLN C 143 -3.00 27.21 -36.12
CA GLN C 143 -1.56 27.21 -36.35
C GLN C 143 -1.03 28.65 -36.36
N THR C 152 3.72 36.57 -29.65
CA THR C 152 3.44 35.44 -28.76
C THR C 152 4.64 34.49 -28.74
N THR C 153 4.63 33.54 -27.80
CA THR C 153 5.73 32.59 -27.64
C THR C 153 5.27 31.13 -27.57
N PRO C 154 5.25 30.43 -28.72
CA PRO C 154 4.84 29.03 -28.81
C PRO C 154 5.94 28.04 -28.46
N PHE C 155 7.20 28.46 -28.63
CA PHE C 155 8.35 27.60 -28.31
C PHE C 155 8.81 27.92 -26.89
N LYS C 156 8.33 27.10 -25.97
CA LYS C 156 8.54 27.19 -24.54
C LYS C 156 9.98 26.95 -24.06
N HIS C 157 10.55 25.79 -24.35
CA HIS C 157 11.89 25.50 -23.89
C HIS C 157 12.37 24.20 -24.50
N VAL C 158 13.68 23.98 -24.47
CA VAL C 158 14.24 22.74 -25.01
C VAL C 158 14.66 21.90 -23.84
N ALA C 159 14.72 20.59 -24.00
CA ALA C 159 15.12 19.74 -22.89
C ALA C 159 16.11 18.70 -23.33
N LEU C 160 17.03 18.34 -22.43
CA LEU C 160 18.03 17.30 -22.68
C LEU C 160 17.50 16.01 -22.06
N CYS C 161 17.31 14.97 -22.84
CA CYS C 161 16.77 13.74 -22.26
C CYS C 161 17.39 12.45 -22.78
N SER C 162 17.11 11.33 -22.12
CA SER C 162 17.68 10.07 -22.56
C SER C 162 17.40 9.90 -24.04
N VAL C 163 16.15 10.06 -24.44
CA VAL C 163 15.73 9.97 -25.85
C VAL C 163 14.74 11.08 -26.13
N GLY C 164 14.19 11.03 -27.34
CA GLY C 164 13.21 12.01 -27.74
C GLY C 164 11.98 11.26 -28.22
N ARG C 165 10.83 11.91 -28.10
CA ARG C 165 9.58 11.30 -28.55
C ARG C 165 9.50 11.48 -30.06
N ARG C 166 10.20 12.48 -30.55
CA ARG C 166 10.22 12.73 -31.97
C ARG C 166 11.53 12.20 -32.51
N ARG C 167 11.48 11.27 -33.46
CA ARG C 167 12.68 10.67 -34.05
C ARG C 167 13.59 11.68 -34.77
N GLY C 168 14.88 11.34 -34.87
CA GLY C 168 15.83 12.22 -35.49
C GLY C 168 16.34 13.35 -34.60
N THR C 169 16.03 13.29 -33.30
CA THR C 169 16.45 14.33 -32.36
C THR C 169 17.67 13.96 -31.48
N LEU C 170 18.73 13.42 -32.10
CA LEU C 170 19.94 13.05 -31.40
C LEU C 170 20.66 14.32 -30.99
N ALA C 171 21.17 14.36 -29.77
CA ALA C 171 21.91 15.53 -29.30
C ALA C 171 23.42 15.34 -29.49
N VAL C 172 24.01 16.22 -30.30
CA VAL C 172 25.44 16.18 -30.58
C VAL C 172 26.09 17.28 -29.72
N TYR C 173 26.88 16.84 -28.73
CA TYR C 173 27.57 17.74 -27.79
C TYR C 173 29.00 18.06 -28.24
N GLY C 174 29.44 19.27 -27.94
CA GLY C 174 30.77 19.68 -28.32
C GLY C 174 31.18 21.01 -27.70
N ARG C 175 32.49 21.28 -27.68
CA ARG C 175 33.04 22.50 -27.08
C ARG C 175 33.02 23.66 -28.06
N ASP C 176 32.86 23.33 -29.33
CA ASP C 176 32.85 24.34 -30.37
C ASP C 176 31.50 24.28 -31.12
N PRO C 177 30.75 25.41 -31.19
CA PRO C 177 29.46 25.45 -31.89
C PRO C 177 29.59 25.14 -33.37
N GLU C 178 30.75 25.46 -33.91
CA GLU C 178 31.06 25.19 -35.29
C GLU C 178 31.34 23.69 -35.43
N TRP C 179 32.01 23.09 -34.45
CA TRP C 179 32.32 21.66 -34.50
C TRP C 179 31.03 20.87 -34.51
N VAL C 180 30.21 21.08 -33.49
CA VAL C 180 28.95 20.37 -33.40
C VAL C 180 28.13 20.53 -34.67
N MET C 181 27.97 21.76 -35.14
CA MET C 181 27.20 22.01 -36.36
C MET C 181 27.66 21.13 -37.50
N GLN C 182 28.98 20.96 -37.59
CA GLN C 182 29.60 20.17 -38.65
C GLN C 182 29.39 18.67 -38.60
N ARG C 183 28.72 18.20 -37.55
CA ARG C 183 28.45 16.77 -37.40
C ARG C 183 27.31 16.30 -38.29
N PHE C 184 26.37 17.22 -38.53
CA PHE C 184 25.17 16.95 -39.33
C PHE C 184 25.36 17.14 -40.84
N PRO C 185 25.52 16.05 -41.59
CA PRO C 185 25.72 16.10 -43.03
C PRO C 185 24.66 16.89 -43.79
N ASP C 186 23.46 17.01 -43.23
CA ASP C 186 22.37 17.72 -43.91
C ASP C 186 22.45 19.24 -43.94
N LEU C 187 23.13 19.87 -42.98
CA LEU C 187 23.18 21.34 -42.98
C LEU C 187 24.01 21.88 -44.15
N THR C 188 23.66 23.09 -44.59
CA THR C 188 24.36 23.75 -45.70
C THR C 188 25.01 25.01 -45.18
N ALA C 189 25.96 25.54 -45.96
CA ALA C 189 26.64 26.76 -45.59
C ALA C 189 25.61 27.82 -45.25
N ALA C 190 24.50 27.82 -46.01
CA ALA C 190 23.40 28.75 -45.82
C ALA C 190 22.77 28.55 -44.46
N ASP C 191 22.52 27.28 -44.12
CA ASP C 191 21.93 26.90 -42.84
C ASP C 191 22.82 27.38 -41.69
N ARG C 192 24.07 26.92 -41.72
CA ARG C 192 25.03 27.26 -40.69
C ARG C 192 25.15 28.75 -40.53
N ASP C 193 24.93 29.48 -41.62
CA ASP C 193 25.03 30.93 -41.56
C ASP C 193 23.86 31.49 -40.78
N GLY C 194 22.68 30.94 -41.04
CA GLY C 194 21.47 31.40 -40.37
C GLY C 194 21.60 31.14 -38.89
N LEU C 195 22.15 29.97 -38.57
CA LEU C 195 22.37 29.56 -37.19
C LEU C 195 23.38 30.51 -36.53
N ARG C 196 24.63 30.41 -36.97
CA ARG C 196 25.76 31.22 -36.50
C ARG C 196 25.34 32.65 -36.20
N ALA C 197 24.63 33.24 -37.15
CA ALA C 197 24.15 34.60 -37.02
C ALA C 197 23.46 34.77 -35.68
N GLN C 198 22.47 33.91 -35.42
CA GLN C 198 21.70 33.98 -34.18
C GLN C 198 22.49 34.07 -32.87
N TRP C 199 23.48 33.20 -32.64
CA TRP C 199 24.23 33.35 -31.40
C TRP C 199 25.19 34.52 -31.50
N GLN C 200 25.66 34.79 -32.71
CA GLN C 200 26.59 35.88 -32.88
C GLN C 200 25.90 37.23 -32.86
N SER C 210 21.57 36.59 -13.99
CA SER C 210 21.36 36.29 -12.57
C SER C 210 22.25 35.09 -12.16
N GLY C 211 23.19 34.73 -13.03
CA GLY C 211 24.10 33.64 -12.72
C GLY C 211 23.59 32.27 -13.11
N ASP C 212 24.03 31.26 -12.36
CA ASP C 212 23.67 29.86 -12.61
C ASP C 212 22.20 29.57 -12.36
N PRO C 213 21.51 29.09 -13.38
CA PRO C 213 20.09 28.74 -13.35
C PRO C 213 19.74 27.42 -12.66
N PHE C 214 20.71 26.52 -12.58
CA PHE C 214 20.44 25.21 -11.98
C PHE C 214 19.92 25.32 -10.54
N ARG C 215 18.80 24.64 -10.29
CA ARG C 215 18.20 24.61 -8.97
C ARG C 215 18.03 23.19 -8.49
N SER C 216 18.85 22.27 -9.00
CA SER C 216 18.76 20.88 -8.61
C SER C 216 20.15 20.41 -8.16
N ASP C 217 20.39 19.10 -8.14
CA ASP C 217 21.67 18.55 -7.70
C ASP C 217 21.85 17.09 -8.06
N SER C 218 22.96 16.52 -7.61
CA SER C 218 23.29 15.15 -7.90
C SER C 218 22.13 14.23 -7.68
N TYR C 219 21.50 14.37 -6.52
CA TYR C 219 20.36 13.54 -6.19
C TYR C 219 19.25 13.69 -7.23
N GLY C 220 18.99 14.92 -7.62
CA GLY C 220 17.98 15.17 -8.63
C GLY C 220 18.26 14.33 -9.87
N LEU C 221 19.45 14.51 -10.43
CA LEU C 221 19.86 13.79 -11.64
C LEU C 221 19.91 12.26 -11.46
N LEU C 222 20.31 11.80 -10.30
CA LEU C 222 20.37 10.37 -10.03
C LEU C 222 18.94 9.85 -10.15
N GLY C 223 17.99 10.64 -9.63
CA GLY C 223 16.57 10.29 -9.67
C GLY C 223 16.04 10.17 -11.06
N ASN C 224 16.47 11.11 -11.89
CA ASN C 224 16.11 11.15 -13.29
C ASN C 224 16.65 9.93 -14.05
N SER C 225 17.80 9.45 -13.61
CA SER C 225 18.43 8.33 -14.30
C SER C 225 17.61 7.07 -14.44
N VAL C 226 16.71 6.82 -13.49
CA VAL C 226 15.91 5.59 -13.48
C VAL C 226 14.73 5.69 -14.42
N ASP C 227 14.21 6.90 -14.54
CA ASP C 227 13.08 7.17 -15.42
C ASP C 227 13.51 6.79 -16.83
N ALA C 228 14.68 7.31 -17.19
CA ALA C 228 15.29 7.07 -18.49
C ALA C 228 15.51 5.59 -18.72
N MET C 229 15.76 4.85 -17.65
CA MET C 229 16.01 3.43 -17.80
C MET C 229 14.83 2.53 -18.11
N TYR C 230 13.60 3.07 -18.02
CA TYR C 230 12.42 2.25 -18.33
C TYR C 230 11.62 2.61 -19.59
N ILE C 231 12.17 3.54 -20.38
CA ILE C 231 11.61 3.97 -21.66
C ILE C 231 11.93 2.87 -22.64
N ARG C 232 10.93 2.17 -23.13
CA ARG C 232 11.15 1.05 -24.03
C ARG C 232 11.70 1.44 -25.41
N GLU C 233 12.59 0.59 -25.92
CA GLU C 233 13.24 0.78 -27.22
C GLU C 233 14.08 2.05 -27.37
N ARG C 234 14.62 2.56 -26.26
CA ARG C 234 15.48 3.77 -26.23
C ARG C 234 16.70 3.67 -27.14
N LEU C 235 17.55 2.67 -26.91
CA LEU C 235 18.73 2.46 -27.72
C LEU C 235 18.42 2.29 -29.21
N PRO C 236 17.41 1.45 -29.54
CA PRO C 236 17.07 1.26 -30.95
C PRO C 236 16.71 2.60 -31.59
N LYS C 237 15.95 3.41 -30.86
CA LYS C 237 15.55 4.72 -31.35
C LYS C 237 16.77 5.56 -31.59
N LEU C 238 17.68 5.59 -30.62
CA LEU C 238 18.92 6.38 -30.71
C LEU C 238 19.71 6.02 -31.96
N ARG C 239 19.88 4.74 -32.24
CA ARG C 239 20.60 4.32 -33.43
C ARG C 239 19.82 4.75 -34.69
N TYR C 240 18.49 4.77 -34.61
CA TYR C 240 17.68 5.19 -35.75
C TYR C 240 17.96 6.65 -35.99
N ASP C 241 18.14 7.40 -34.93
CA ASP C 241 18.43 8.83 -35.03
C ASP C 241 19.79 9.13 -35.62
N LYS C 242 20.79 8.32 -35.24
CA LYS C 242 22.14 8.45 -35.76
C LYS C 242 22.02 8.35 -37.27
N GLN C 243 21.71 7.15 -37.74
CA GLN C 243 21.55 6.88 -39.16
C GLN C 243 20.81 7.99 -39.89
N LEU C 244 19.58 8.27 -39.46
CA LEU C 244 18.77 9.34 -40.08
C LEU C 244 19.54 10.66 -40.18
N VAL C 245 19.92 11.19 -39.02
CA VAL C 245 20.63 12.47 -38.96
C VAL C 245 22.02 12.41 -39.60
N GLY C 246 22.50 11.20 -39.86
CA GLY C 246 23.78 11.04 -40.51
C GLY C 246 25.04 11.05 -39.66
N VAL C 247 24.92 11.41 -38.38
CA VAL C 247 26.07 11.43 -37.47
C VAL C 247 26.89 10.11 -37.50
N THR C 248 26.31 9.05 -38.05
CA THR C 248 27.00 7.77 -38.21
C THR C 248 28.19 8.02 -39.12
N GLU C 249 27.94 8.76 -40.19
CA GLU C 249 28.95 9.08 -41.20
C GLU C 249 29.81 10.27 -40.86
N ARG C 250 29.93 10.54 -39.57
CA ARG C 250 30.77 11.64 -39.10
C ARG C 250 31.38 11.10 -37.84
N GLU C 251 31.91 11.95 -36.98
CA GLU C 251 32.46 11.44 -35.72
C GLU C 251 32.16 12.36 -34.57
N SER C 252 31.66 11.78 -33.51
CA SER C 252 31.31 12.57 -32.36
C SER C 252 31.42 11.73 -31.10
N TYR C 253 31.07 12.33 -29.99
CA TYR C 253 31.13 11.64 -28.72
C TYR C 253 29.81 10.94 -28.50
N VAL C 254 29.08 10.71 -29.59
CA VAL C 254 27.80 10.04 -29.48
C VAL C 254 28.11 8.66 -28.96
N LYS C 255 27.47 8.32 -27.85
CA LYS C 255 27.69 7.04 -27.22
C LYS C 255 26.75 5.99 -27.76
N ALA C 256 25.60 6.41 -28.24
CA ALA C 256 24.65 5.47 -28.81
C ALA C 256 25.15 5.12 -30.19
N ASP D 4 10.25 13.96 9.47
CA ASP D 4 11.40 13.36 10.20
C ASP D 4 11.35 11.84 10.42
N GLU D 5 10.20 11.29 10.85
CA GLU D 5 10.11 9.86 11.10
C GLU D 5 9.84 8.98 9.89
N GLN D 6 9.07 9.46 8.93
CA GLN D 6 8.80 8.63 7.75
C GLN D 6 10.10 8.37 7.00
N GLN D 7 11.03 9.33 7.07
CA GLN D 7 12.32 9.22 6.40
C GLN D 7 13.10 8.06 6.97
N SER D 8 13.12 7.97 8.30
CA SER D 8 13.84 6.88 8.95
C SER D 8 13.09 5.58 8.68
N GLN D 9 11.84 5.73 8.25
CA GLN D 9 11.02 4.58 7.96
C GLN D 9 11.38 4.01 6.59
N ALA D 10 11.98 4.85 5.75
CA ALA D 10 12.42 4.48 4.40
C ALA D 10 13.89 4.03 4.44
N VAL D 11 14.62 4.64 5.36
CA VAL D 11 16.03 4.35 5.61
C VAL D 11 16.24 2.97 6.30
N ALA D 12 15.15 2.25 6.54
CA ALA D 12 15.27 0.94 7.17
C ALA D 12 15.86 -0.01 6.15
N PRO D 13 16.40 -1.17 6.59
CA PRO D 13 17.00 -2.18 5.69
C PRO D 13 16.06 -2.59 4.56
N VAL D 14 16.61 -3.02 3.44
CA VAL D 14 15.82 -3.45 2.29
C VAL D 14 16.36 -4.79 1.86
N TYR D 15 15.53 -5.83 1.84
CA TYR D 15 15.99 -7.14 1.41
C TYR D 15 15.97 -7.27 -0.11
N VAL D 16 16.47 -8.40 -0.59
CA VAL D 16 16.56 -8.72 -2.01
C VAL D 16 16.69 -10.21 -2.06
N GLY D 17 16.12 -10.82 -3.07
CA GLY D 17 16.24 -12.24 -3.18
C GLY D 17 16.22 -12.49 -4.66
N GLY D 18 16.76 -13.61 -5.09
CA GLY D 18 16.76 -13.90 -6.49
C GLY D 18 17.80 -14.94 -6.86
N PHE D 19 17.59 -15.55 -8.02
CA PHE D 19 18.50 -16.53 -8.52
C PHE D 19 19.79 -15.86 -8.99
N LEU D 20 20.92 -16.49 -8.70
CA LEU D 20 22.22 -16.01 -9.13
C LEU D 20 22.53 -16.82 -10.37
N ALA D 21 21.77 -17.89 -10.57
CA ALA D 21 21.95 -18.76 -11.71
C ALA D 21 20.76 -19.69 -11.83
N ARG D 22 20.40 -20.03 -13.06
CA ARG D 22 19.28 -20.92 -13.35
C ARG D 22 19.78 -22.12 -14.11
N TYR D 23 20.14 -23.19 -13.40
CA TYR D 23 20.69 -24.41 -14.02
C TYR D 23 20.09 -24.83 -15.36
N ASP D 24 18.88 -24.40 -15.65
CA ASP D 24 18.21 -24.75 -16.92
C ASP D 24 18.53 -23.76 -18.04
N GLN D 25 19.54 -22.91 -17.86
CA GLN D 25 19.85 -21.93 -18.90
C GLN D 25 21.29 -21.97 -19.45
N SER D 26 21.40 -22.09 -20.78
CA SER D 26 22.70 -22.09 -21.43
C SER D 26 23.17 -20.65 -21.55
N PRO D 27 24.35 -20.35 -21.02
CA PRO D 27 24.86 -18.98 -21.08
C PRO D 27 25.28 -18.54 -22.50
N ASP D 28 25.41 -17.23 -22.67
CA ASP D 28 25.84 -16.68 -23.94
C ASP D 28 27.38 -16.79 -24.02
N GLU D 29 28.05 -16.50 -22.89
CA GLU D 29 29.50 -16.60 -22.82
C GLU D 29 29.83 -17.90 -22.09
N ALA D 30 30.74 -18.69 -22.63
CA ALA D 30 31.10 -19.95 -21.98
C ALA D 30 31.60 -19.73 -20.58
N GLU D 31 32.13 -18.54 -20.31
CA GLU D 31 32.67 -18.22 -18.98
C GLU D 31 31.58 -18.09 -17.88
N LEU D 32 30.32 -18.05 -18.28
CA LEU D 32 29.23 -17.93 -17.30
C LEU D 32 28.70 -19.29 -16.89
N LEU D 33 29.33 -20.34 -17.37
CA LEU D 33 28.90 -21.69 -17.04
C LEU D 33 29.02 -21.85 -15.55
N LEU D 34 27.97 -22.41 -14.93
CA LEU D 34 27.90 -22.62 -13.48
C LEU D 34 26.89 -23.73 -13.27
N PRO D 35 27.31 -24.97 -13.48
CA PRO D 35 26.48 -26.16 -13.33
C PRO D 35 26.05 -26.42 -11.88
N ARG D 36 25.00 -27.23 -11.70
CA ARG D 36 24.51 -27.61 -10.36
C ARG D 36 25.63 -28.24 -9.52
N ASP D 37 26.27 -29.27 -10.08
CA ASP D 37 27.37 -29.99 -9.40
C ASP D 37 28.50 -29.09 -8.87
N VAL D 38 28.95 -28.15 -9.71
CA VAL D 38 30.01 -27.22 -9.34
C VAL D 38 29.53 -26.42 -8.14
N VAL D 39 28.41 -25.72 -8.31
CA VAL D 39 27.85 -24.89 -7.26
C VAL D 39 27.75 -25.64 -5.94
N GLU D 40 27.39 -26.92 -6.03
CA GLU D 40 27.27 -27.73 -4.84
C GLU D 40 28.61 -27.88 -4.16
N HIS D 41 29.62 -28.21 -4.95
CA HIS D 41 30.97 -28.39 -4.44
C HIS D 41 31.46 -27.11 -3.80
N TRP D 42 31.32 -26.02 -4.54
CA TRP D 42 31.74 -24.73 -4.06
C TRP D 42 31.06 -24.31 -2.78
N LEU D 43 29.74 -24.50 -2.68
CA LEU D 43 29.02 -24.09 -1.47
C LEU D 43 29.55 -24.82 -0.27
N HIS D 44 29.78 -26.12 -0.43
CA HIS D 44 30.31 -26.96 0.62
C HIS D 44 31.66 -26.51 1.13
N ALA D 45 32.60 -26.28 0.22
CA ALA D 45 33.96 -25.87 0.57
C ALA D 45 33.98 -24.54 1.28
N GLN D 46 33.05 -23.67 0.93
CA GLN D 46 33.00 -22.36 1.50
C GLN D 46 32.30 -22.34 2.85
N LEU D 53 27.92 -21.29 5.17
CA LEU D 53 29.07 -20.48 4.79
C LEU D 53 29.71 -19.84 6.03
N SER D 54 30.95 -19.36 5.86
CA SER D 54 31.66 -18.68 6.93
C SER D 54 31.20 -17.22 6.90
N VAL D 55 32.12 -16.25 6.86
CA VAL D 55 31.69 -14.84 6.82
C VAL D 55 30.65 -14.56 5.73
N ALA D 56 29.96 -13.44 5.85
CA ALA D 56 28.94 -13.07 4.89
C ALA D 56 29.55 -12.33 3.72
N LEU D 57 29.25 -12.78 2.51
CA LEU D 57 29.77 -12.15 1.30
C LEU D 57 29.24 -10.73 1.30
N PRO D 58 29.92 -9.81 0.62
CA PRO D 58 29.37 -8.46 0.63
C PRO D 58 28.36 -8.32 -0.50
N LEU D 59 27.61 -7.23 -0.49
CA LEU D 59 26.62 -6.95 -1.50
C LEU D 59 26.98 -5.54 -1.95
N ASN D 60 27.51 -5.42 -3.17
CA ASN D 60 27.88 -4.09 -3.69
C ASN D 60 27.08 -3.69 -4.90
N ILE D 61 27.21 -2.42 -5.28
CA ILE D 61 26.53 -1.89 -6.47
C ILE D 61 27.41 -2.07 -7.72
N ASN D 62 27.03 -3.05 -8.53
CA ASN D 62 27.71 -3.35 -9.79
C ASN D 62 29.19 -3.66 -9.63
N HIS D 63 29.50 -4.48 -8.64
CA HIS D 63 30.86 -4.93 -8.38
C HIS D 63 31.91 -3.93 -7.88
N ASP D 64 31.54 -2.67 -7.71
CA ASP D 64 32.48 -1.70 -7.18
C ASP D 64 32.68 -2.00 -5.70
N ASP D 65 33.92 -2.37 -5.34
CA ASP D 65 34.29 -2.68 -3.95
C ASP D 65 33.99 -1.51 -2.98
N THR D 66 33.91 -0.29 -3.51
CA THR D 66 33.67 0.91 -2.71
C THR D 66 32.19 1.24 -2.59
N ALA D 67 31.35 0.35 -3.11
CA ALA D 67 29.91 0.54 -3.08
C ALA D 67 29.22 -0.69 -2.51
N VAL D 68 29.73 -1.19 -1.40
CA VAL D 68 29.16 -2.34 -0.72
C VAL D 68 28.02 -1.72 0.07
N VAL D 69 26.81 -2.19 -0.16
CA VAL D 69 25.63 -1.64 0.53
C VAL D 69 25.11 -2.52 1.66
N GLY D 70 25.38 -3.81 1.57
CA GLY D 70 24.92 -4.73 2.59
C GLY D 70 25.74 -6.00 2.52
N HIS D 71 25.08 -7.13 2.71
CA HIS D 71 25.75 -8.42 2.69
C HIS D 71 24.76 -9.48 2.25
N VAL D 72 25.28 -10.68 2.01
CA VAL D 72 24.45 -11.81 1.61
C VAL D 72 24.12 -12.59 2.89
N ALA D 73 22.82 -12.69 3.18
CA ALA D 73 22.31 -13.40 4.34
C ALA D 73 22.17 -14.88 4.09
N ALA D 74 21.80 -15.29 2.88
CA ALA D 74 21.67 -16.73 2.57
C ALA D 74 21.89 -17.02 1.08
N MET D 75 22.24 -18.26 0.77
CA MET D 75 22.48 -18.73 -0.60
C MET D 75 22.11 -20.17 -0.52
N GLN D 76 21.44 -20.70 -1.54
CA GLN D 76 21.00 -22.08 -1.49
C GLN D 76 20.77 -22.71 -2.86
N SER D 77 21.49 -23.78 -3.14
CA SER D 77 21.29 -24.46 -4.40
C SER D 77 19.91 -25.13 -4.25
N VAL D 78 19.03 -24.82 -5.19
CA VAL D 78 17.68 -25.37 -5.23
C VAL D 78 17.55 -26.16 -6.57
N ARG D 79 16.41 -26.79 -6.82
CA ARG D 79 16.23 -27.55 -8.08
C ARG D 79 16.54 -26.77 -9.36
N ASP D 80 15.96 -25.58 -9.48
CA ASP D 80 16.12 -24.75 -10.68
C ASP D 80 17.33 -23.86 -10.70
N GLY D 81 18.08 -23.78 -9.60
CA GLY D 81 19.23 -22.88 -9.61
C GLY D 81 19.84 -22.57 -8.28
N LEU D 82 20.35 -21.36 -8.12
CA LEU D 82 21.00 -20.96 -6.89
C LEU D 82 20.36 -19.68 -6.45
N PHE D 83 19.68 -19.73 -5.31
CA PHE D 83 18.99 -18.56 -4.80
C PHE D 83 19.84 -17.88 -3.71
N CYS D 84 19.72 -16.57 -3.60
CA CYS D 84 20.47 -15.86 -2.60
C CYS D 84 19.52 -14.84 -1.99
N LEU D 85 19.79 -14.46 -0.75
CA LEU D 85 18.99 -13.48 -0.06
C LEU D 85 20.03 -12.60 0.58
N GLY D 86 20.00 -11.30 0.25
CA GLY D 86 20.95 -10.36 0.80
C GLY D 86 20.19 -9.26 1.52
N CYS D 87 20.90 -8.34 2.16
CA CYS D 87 20.22 -7.26 2.89
C CYS D 87 20.94 -5.92 2.71
N VAL D 88 20.22 -4.92 2.23
CA VAL D 88 20.79 -3.62 2.03
C VAL D 88 20.66 -2.97 3.38
N THR D 89 21.77 -2.85 4.08
CA THR D 89 21.78 -2.27 5.42
C THR D 89 22.42 -0.89 5.50
N SER D 90 23.19 -0.55 4.49
CA SER D 90 23.90 0.72 4.46
C SER D 90 23.09 1.99 4.57
N PRO D 91 23.20 2.70 5.70
CA PRO D 91 22.48 3.95 5.93
C PRO D 91 22.76 5.01 4.88
N ARG D 92 24.03 5.16 4.55
CA ARG D 92 24.49 6.15 3.58
C ARG D 92 23.92 5.95 2.18
N PHE D 93 23.92 4.70 1.70
CA PHE D 93 23.35 4.40 0.42
C PHE D 93 21.85 4.59 0.54
N LEU D 94 21.23 3.97 1.55
CA LEU D 94 19.79 4.11 1.74
C LEU D 94 19.31 5.56 1.76
N GLU D 95 20.14 6.47 2.25
CA GLU D 95 19.73 7.89 2.25
C GLU D 95 19.85 8.47 0.84
N ILE D 96 20.89 8.06 0.13
CA ILE D 96 21.14 8.53 -1.24
C ILE D 96 19.89 8.20 -2.02
N VAL D 97 19.53 6.92 -1.99
CA VAL D 97 18.36 6.33 -2.65
C VAL D 97 17.04 6.99 -2.19
N ARG D 98 16.94 7.31 -0.92
CA ARG D 98 15.76 7.94 -0.32
C ARG D 98 15.60 9.29 -1.01
N ARG D 99 16.70 10.03 -1.09
CA ARG D 99 16.72 11.35 -1.70
C ARG D 99 16.42 11.36 -3.18
N ALA D 100 17.03 10.42 -3.90
CA ALA D 100 16.88 10.31 -5.34
C ALA D 100 15.50 9.88 -5.71
N SER D 101 14.94 8.92 -4.98
CA SER D 101 13.59 8.42 -5.25
C SER D 101 12.59 9.57 -5.27
N GLU D 102 12.82 10.55 -4.41
CA GLU D 102 11.96 11.73 -4.30
C GLU D 102 11.90 12.49 -5.61
N LYS D 103 12.80 12.18 -6.54
CA LYS D 103 12.86 12.88 -7.82
C LYS D 103 12.59 12.00 -9.03
N SER D 104 12.27 10.74 -8.83
CA SER D 104 12.00 9.84 -9.93
C SER D 104 10.51 9.77 -10.24
N GLU D 105 10.16 10.00 -11.50
CA GLU D 105 8.76 9.95 -11.87
C GLU D 105 8.27 8.50 -11.99
N LEU D 106 9.20 7.57 -12.24
CA LEU D 106 8.85 6.15 -12.34
C LEU D 106 8.39 5.67 -10.95
N VAL D 107 8.86 6.36 -9.92
CA VAL D 107 8.56 6.09 -8.51
C VAL D 107 7.31 6.84 -8.11
N SER D 108 7.15 8.05 -8.63
CA SER D 108 5.98 8.87 -8.38
C SER D 108 4.71 8.09 -8.72
N ARG D 109 4.73 7.40 -9.86
CA ARG D 109 3.58 6.65 -10.30
C ARG D 109 3.29 5.43 -9.45
N GLY D 110 4.16 5.15 -8.49
CA GLY D 110 3.97 4.02 -7.58
C GLY D 110 3.82 2.61 -8.15
N PRO D 111 3.57 1.61 -7.27
CA PRO D 111 3.39 0.18 -7.59
C PRO D 111 1.97 -0.25 -7.93
N VAL D 112 1.80 -1.55 -8.18
CA VAL D 112 0.50 -2.11 -8.52
C VAL D 112 -0.50 -2.24 -7.36
N SER D 113 -1.52 -1.39 -7.41
CA SER D 113 -2.63 -1.31 -6.45
C SER D 113 -2.54 -1.86 -5.02
N PRO D 114 -2.80 -3.17 -4.82
CA PRO D 114 -2.73 -3.65 -3.42
C PRO D 114 -1.42 -3.37 -2.63
N LEU D 115 -0.33 -3.07 -3.33
CA LEU D 115 0.95 -2.82 -2.66
C LEU D 115 1.12 -1.36 -2.34
N GLN D 116 1.67 -1.10 -1.17
CA GLN D 116 1.91 0.25 -0.68
C GLN D 116 3.13 0.89 -1.35
N PRO D 117 3.08 2.21 -1.60
CA PRO D 117 4.21 2.88 -2.22
C PRO D 117 5.42 2.80 -1.30
N ASP D 118 6.53 2.32 -1.84
CA ASP D 118 7.76 2.20 -1.09
C ASP D 118 8.88 2.82 -1.95
N LYS D 119 9.02 4.14 -1.91
CA LYS D 119 10.05 4.85 -2.70
C LYS D 119 11.44 4.18 -2.75
N VAL D 120 12.08 3.94 -1.60
CA VAL D 120 13.38 3.30 -1.60
C VAL D 120 13.31 1.92 -2.26
N VAL D 121 12.31 1.12 -1.88
CA VAL D 121 12.18 -0.22 -2.45
C VAL D 121 11.79 -0.14 -3.92
N GLU D 122 11.18 0.97 -4.33
CA GLU D 122 10.78 1.18 -5.73
C GLU D 122 11.98 1.64 -6.58
N PHE D 123 12.80 2.53 -6.02
CA PHE D 123 13.98 3.01 -6.71
C PHE D 123 14.96 1.85 -6.87
N LEU D 124 15.09 1.04 -5.84
CA LEU D 124 16.00 -0.08 -5.92
C LEU D 124 15.55 -1.06 -6.99
N SER D 125 14.25 -1.24 -7.11
CA SER D 125 13.68 -2.18 -8.10
C SER D 125 13.82 -1.70 -9.54
N GLY D 126 13.85 -0.38 -9.74
CA GLY D 126 13.99 0.18 -11.07
C GLY D 126 15.45 0.14 -11.48
N SER D 127 16.29 0.89 -10.75
CA SER D 127 17.73 0.97 -10.98
C SER D 127 18.49 -0.34 -10.93
N TYR D 128 18.41 -1.03 -9.80
CA TYR D 128 19.16 -2.26 -9.60
C TYR D 128 18.36 -3.53 -9.79
N ALA D 129 17.72 -3.65 -10.94
CA ALA D 129 16.85 -4.77 -11.28
C ALA D 129 17.45 -6.15 -11.44
N GLY D 130 18.75 -6.29 -11.28
CA GLY D 130 19.32 -7.61 -11.46
C GLY D 130 20.32 -8.02 -10.41
N LEU D 131 20.61 -9.32 -10.37
CA LEU D 131 21.55 -9.88 -9.41
C LEU D 131 22.74 -10.51 -10.13
N SER D 132 23.95 -10.06 -9.80
CA SER D 132 25.11 -10.57 -10.48
C SER D 132 26.16 -11.10 -9.52
N LEU D 133 26.39 -12.39 -9.59
CA LEU D 133 27.38 -13.08 -8.78
C LEU D 133 28.80 -12.76 -9.30
N SER D 134 29.76 -12.88 -8.40
CA SER D 134 31.15 -12.70 -8.73
C SER D 134 31.74 -13.98 -8.14
N SER D 135 32.37 -14.79 -8.97
CA SER D 135 32.93 -16.03 -8.49
C SER D 135 34.22 -16.43 -9.21
N ARG D 136 34.80 -17.52 -8.74
CA ARG D 136 36.03 -17.99 -9.33
C ARG D 136 35.72 -18.37 -10.77
N ARG D 137 36.74 -18.44 -11.60
CA ARG D 137 36.52 -18.79 -12.99
C ARG D 137 36.15 -20.25 -13.05
N CYS D 138 35.04 -20.54 -13.68
CA CYS D 138 34.61 -21.93 -13.79
C CYS D 138 34.88 -22.40 -15.23
N ASP D 139 36.12 -22.76 -15.52
CA ASP D 139 36.44 -23.23 -16.86
C ASP D 139 36.42 -24.76 -16.92
N ASP D 140 36.35 -25.31 -18.13
CA ASP D 140 36.32 -26.76 -18.24
C ASP D 140 37.64 -27.40 -17.78
N VAL D 141 37.49 -28.51 -17.06
CA VAL D 141 38.57 -29.35 -16.52
C VAL D 141 38.74 -29.33 -14.98
N GLU D 142 38.14 -28.35 -14.30
CA GLU D 142 38.21 -28.27 -12.85
C GLU D 142 37.04 -27.51 -12.20
N GLN D 143 36.55 -28.06 -11.09
CA GLN D 143 35.42 -27.46 -10.37
C GLN D 143 35.61 -27.68 -8.87
N THR D 152 38.07 -23.12 1.30
CA THR D 152 38.42 -22.18 0.23
C THR D 152 37.13 -21.41 -0.09
N THR D 153 37.26 -20.26 -0.75
CA THR D 153 36.12 -19.41 -1.07
C THR D 153 35.87 -18.99 -2.53
N PRO D 154 35.22 -19.85 -3.33
CA PRO D 154 34.89 -19.61 -4.74
C PRO D 154 33.84 -18.53 -5.04
N PHE D 155 32.97 -18.23 -4.06
CA PHE D 155 31.95 -17.20 -4.23
C PHE D 155 32.47 -15.89 -3.60
N LYS D 156 32.91 -14.98 -4.46
CA LYS D 156 33.47 -13.71 -4.03
C LYS D 156 32.45 -12.78 -3.39
N HIS D 157 31.48 -12.34 -4.18
CA HIS D 157 30.46 -11.44 -3.68
C HIS D 157 29.28 -11.46 -4.63
N VAL D 158 28.27 -10.65 -4.35
CA VAL D 158 27.12 -10.56 -5.22
C VAL D 158 26.91 -9.07 -5.41
N ALA D 159 26.39 -8.67 -6.55
CA ALA D 159 26.20 -7.28 -6.82
C ALA D 159 24.82 -6.99 -7.42
N LEU D 160 24.33 -5.78 -7.15
CA LEU D 160 23.03 -5.32 -7.65
C LEU D 160 23.35 -4.51 -8.88
N CYS D 161 22.86 -4.94 -10.02
CA CYS D 161 23.11 -4.22 -11.25
C CYS D 161 21.84 -4.01 -12.03
N SER D 162 21.95 -3.31 -13.16
CA SER D 162 20.80 -3.04 -14.01
C SER D 162 20.30 -4.39 -14.52
N VAL D 163 21.18 -5.19 -15.13
CA VAL D 163 20.76 -6.51 -15.61
C VAL D 163 21.83 -7.50 -15.17
N GLY D 164 21.63 -8.77 -15.46
CA GLY D 164 22.62 -9.75 -15.09
C GLY D 164 23.06 -10.38 -16.38
N ARG D 165 24.31 -10.83 -16.41
CA ARG D 165 24.84 -11.46 -17.59
C ARG D 165 24.21 -12.84 -17.67
N ARG D 166 23.85 -13.39 -16.51
CA ARG D 166 23.20 -14.70 -16.43
C ARG D 166 21.68 -14.43 -16.41
N ARG D 167 20.91 -15.25 -17.13
CA ARG D 167 19.44 -15.08 -17.18
C ARG D 167 18.69 -15.70 -15.98
N GLY D 168 17.52 -15.16 -15.70
CA GLY D 168 16.70 -15.62 -14.58
C GLY D 168 17.20 -15.04 -13.27
N THR D 169 18.03 -14.01 -13.37
CA THR D 169 18.63 -13.38 -12.21
C THR D 169 18.00 -12.04 -11.80
N LEU D 170 16.68 -12.00 -11.82
CA LEU D 170 15.91 -10.81 -11.46
C LEU D 170 15.98 -10.57 -9.94
N ALA D 171 16.08 -9.31 -9.54
CA ALA D 171 16.18 -8.95 -8.15
C ALA D 171 14.87 -8.49 -7.58
N VAL D 172 14.27 -9.32 -6.75
CA VAL D 172 13.01 -8.97 -6.11
C VAL D 172 13.33 -8.28 -4.78
N TYR D 173 12.87 -7.03 -4.62
CA TYR D 173 13.14 -6.23 -3.41
C TYR D 173 11.92 -6.14 -2.54
N GLY D 174 12.17 -5.98 -1.23
CA GLY D 174 11.13 -5.84 -0.23
C GLY D 174 11.71 -5.73 1.18
N ARG D 175 10.95 -5.15 2.12
CA ARG D 175 11.40 -4.99 3.51
C ARG D 175 11.28 -6.24 4.40
N ASP D 176 10.68 -7.31 3.90
CA ASP D 176 10.49 -8.54 4.68
C ASP D 176 10.99 -9.74 3.87
N PRO D 177 12.03 -10.45 4.35
CA PRO D 177 12.62 -11.62 3.67
C PRO D 177 11.73 -12.79 3.44
N GLU D 178 10.66 -12.91 4.22
CA GLU D 178 9.71 -14.03 4.07
C GLU D 178 8.75 -13.68 2.94
N TRP D 179 8.60 -12.36 2.73
CA TRP D 179 7.77 -11.81 1.67
C TRP D 179 8.54 -11.92 0.33
N VAL D 180 9.70 -11.25 0.22
CA VAL D 180 10.49 -11.33 -1.01
C VAL D 180 10.69 -12.80 -1.38
N MET D 181 10.85 -13.67 -0.37
CA MET D 181 10.99 -15.09 -0.65
C MET D 181 9.70 -15.67 -1.26
N GLN D 182 8.54 -15.21 -0.79
CA GLN D 182 7.25 -15.69 -1.31
C GLN D 182 7.03 -15.32 -2.77
N ARG D 183 7.76 -14.31 -3.25
CA ARG D 183 7.66 -13.86 -4.63
C ARG D 183 8.02 -14.92 -5.68
N PHE D 184 8.84 -15.89 -5.30
CA PHE D 184 9.33 -16.91 -6.23
C PHE D 184 8.61 -18.24 -6.25
N PRO D 185 7.64 -18.39 -7.16
CA PRO D 185 6.85 -19.61 -7.32
C PRO D 185 7.62 -20.92 -7.24
N ASP D 186 8.90 -20.89 -7.64
CA ASP D 186 9.77 -22.08 -7.67
C ASP D 186 10.18 -22.69 -6.32
N LEU D 187 10.42 -21.84 -5.32
CA LEU D 187 10.84 -22.33 -4.01
C LEU D 187 9.78 -23.14 -3.27
N THR D 188 10.25 -24.19 -2.60
CA THR D 188 9.40 -25.06 -1.84
C THR D 188 9.55 -24.63 -0.39
N ALA D 189 8.70 -25.12 0.50
CA ALA D 189 8.82 -24.77 1.92
C ALA D 189 10.20 -25.21 2.37
N ALA D 190 10.57 -26.44 2.05
CA ALA D 190 11.88 -26.98 2.37
C ALA D 190 12.95 -25.94 2.01
N ASP D 191 12.89 -25.47 0.76
CA ASP D 191 13.84 -24.48 0.27
C ASP D 191 13.79 -23.25 1.17
N ARG D 192 12.62 -22.63 1.29
CA ARG D 192 12.47 -21.44 2.12
C ARG D 192 13.03 -21.63 3.50
N ASP D 193 12.99 -22.88 3.95
CA ASP D 193 13.47 -23.30 5.25
C ASP D 193 14.99 -23.25 5.29
N GLY D 194 15.64 -23.94 4.35
CA GLY D 194 17.09 -23.93 4.30
C GLY D 194 17.64 -22.52 4.22
N LEU D 195 16.95 -21.67 3.48
CA LEU D 195 17.38 -20.31 3.33
C LEU D 195 17.23 -19.60 4.66
N ARG D 196 16.06 -19.76 5.28
CA ARG D 196 15.74 -19.10 6.55
C ARG D 196 16.73 -19.47 7.66
N ALA D 197 17.08 -20.74 7.73
CA ALA D 197 18.02 -21.24 8.72
C ALA D 197 19.32 -20.47 8.65
N GLN D 198 19.77 -20.13 7.43
CA GLN D 198 21.02 -19.40 7.29
C GLN D 198 21.06 -18.03 7.92
N TRP D 199 20.09 -17.15 7.65
CA TRP D 199 20.17 -15.85 8.32
C TRP D 199 19.65 -15.91 9.74
N GLN D 200 19.01 -17.01 10.08
CA GLN D 200 18.48 -17.19 11.42
C GLN D 200 19.52 -17.93 12.26
N SER D 210 31.75 -3.09 11.35
CA SER D 210 32.45 -1.80 11.35
C SER D 210 31.57 -0.69 10.79
N GLY D 211 30.26 -0.87 10.94
CA GLY D 211 29.27 0.09 10.48
C GLY D 211 29.02 0.10 8.98
N ASP D 212 28.77 1.31 8.46
CA ASP D 212 28.48 1.56 7.06
C ASP D 212 29.61 1.12 6.12
N PRO D 213 29.35 0.10 5.29
CA PRO D 213 30.35 -0.41 4.37
C PRO D 213 30.42 0.38 3.07
N PHE D 214 29.52 1.34 2.93
CA PHE D 214 29.47 2.16 1.73
C PHE D 214 30.62 3.17 1.68
N ARG D 215 31.35 3.16 0.57
CA ARG D 215 32.47 4.08 0.45
C ARG D 215 32.30 5.08 -0.68
N SER D 216 31.15 5.07 -1.33
CA SER D 216 30.91 6.00 -2.43
C SER D 216 29.93 7.12 -2.09
N ASP D 217 29.28 7.65 -3.12
CA ASP D 217 28.35 8.74 -2.96
C ASP D 217 27.33 8.77 -4.10
N SER D 218 26.50 9.83 -4.18
CA SER D 218 25.50 9.92 -5.23
C SER D 218 26.13 10.02 -6.60
N TYR D 219 27.23 10.76 -6.70
CA TYR D 219 27.94 10.91 -7.97
C TYR D 219 28.40 9.55 -8.44
N GLY D 220 29.05 8.80 -7.54
CA GLY D 220 29.56 7.48 -7.88
C GLY D 220 28.46 6.60 -8.42
N LEU D 221 27.23 6.86 -7.99
CA LEU D 221 26.08 6.09 -8.43
C LEU D 221 25.48 6.70 -9.68
N LEU D 222 25.56 8.03 -9.79
CA LEU D 222 25.05 8.79 -10.95
C LEU D 222 25.88 8.35 -12.16
N GLY D 223 27.18 8.16 -11.95
CA GLY D 223 28.06 7.74 -13.03
C GLY D 223 27.76 6.34 -13.48
N ASN D 224 27.49 5.47 -12.54
CA ASN D 224 27.18 4.06 -12.83
C ASN D 224 25.85 3.93 -13.59
N SER D 225 25.01 4.97 -13.51
CA SER D 225 23.71 4.95 -14.18
C SER D 225 23.91 4.88 -15.68
N VAL D 226 24.77 5.76 -16.18
CA VAL D 226 25.10 5.83 -17.61
C VAL D 226 25.61 4.50 -18.15
N ASP D 227 26.43 3.80 -17.38
CA ASP D 227 26.93 2.53 -17.84
C ASP D 227 25.76 1.63 -18.14
N ALA D 228 24.82 1.53 -17.20
CA ALA D 228 23.63 0.68 -17.34
C ALA D 228 22.87 1.06 -18.59
N MET D 229 22.79 2.38 -18.80
CA MET D 229 22.11 2.99 -19.95
C MET D 229 22.58 2.53 -21.33
N TYR D 230 23.67 1.77 -21.43
CA TYR D 230 24.13 1.34 -22.73
C TYR D 230 24.22 -0.14 -22.99
N ILE D 231 23.69 -0.92 -22.04
CA ILE D 231 23.65 -2.37 -22.16
C ILE D 231 22.46 -2.66 -23.08
N ARG D 232 22.72 -3.34 -24.18
CA ARG D 232 21.64 -3.61 -25.10
C ARG D 232 20.72 -4.77 -24.72
N GLU D 233 19.45 -4.64 -25.09
CA GLU D 233 18.40 -5.63 -24.81
C GLU D 233 18.00 -5.72 -23.34
N ARG D 234 18.50 -4.78 -22.53
CA ARG D 234 18.24 -4.74 -21.08
C ARG D 234 16.81 -5.12 -20.68
N LEU D 235 15.87 -4.21 -20.94
CA LEU D 235 14.46 -4.43 -20.62
C LEU D 235 13.95 -5.78 -21.14
N PRO D 236 14.24 -6.12 -22.41
CA PRO D 236 13.77 -7.41 -22.93
C PRO D 236 14.31 -8.60 -22.14
N LYS D 237 15.55 -8.50 -21.68
CA LYS D 237 16.13 -9.60 -20.92
C LYS D 237 15.40 -9.63 -19.57
N LEU D 238 15.13 -8.47 -18.99
CA LEU D 238 14.46 -8.41 -17.73
C LEU D 238 13.09 -9.07 -17.78
N ARG D 239 12.27 -8.71 -18.76
CA ARG D 239 10.95 -9.36 -18.88
C ARG D 239 11.09 -10.90 -19.01
N TYR D 240 12.06 -11.34 -19.81
CA TYR D 240 12.30 -12.77 -19.99
C TYR D 240 12.66 -13.36 -18.64
N ASP D 241 13.16 -12.52 -17.74
CA ASP D 241 13.54 -12.99 -16.42
C ASP D 241 12.34 -13.14 -15.51
N LYS D 242 11.42 -12.16 -15.53
CA LYS D 242 10.19 -12.22 -14.72
C LYS D 242 9.42 -13.49 -15.07
N GLN D 243 9.04 -13.60 -16.32
CA GLN D 243 8.30 -14.75 -16.78
C GLN D 243 9.00 -16.07 -16.46
N LEU D 244 10.33 -16.05 -16.40
CA LEU D 244 11.11 -17.26 -16.11
C LEU D 244 11.09 -17.62 -14.64
N VAL D 245 11.45 -16.65 -13.82
CA VAL D 245 11.51 -16.83 -12.38
C VAL D 245 10.11 -16.84 -11.73
N GLY D 246 9.07 -16.60 -12.54
CA GLY D 246 7.71 -16.62 -12.04
C GLY D 246 7.12 -15.34 -11.46
N VAL D 247 7.95 -14.39 -11.08
CA VAL D 247 7.46 -13.15 -10.49
C VAL D 247 6.28 -12.55 -11.27
N THR D 248 6.12 -12.92 -12.53
CA THR D 248 5.02 -12.40 -13.36
C THR D 248 3.67 -12.71 -12.72
N GLU D 249 3.46 -13.99 -12.44
CA GLU D 249 2.22 -14.43 -11.84
C GLU D 249 2.37 -14.48 -10.32
N ARG D 250 2.65 -13.28 -9.79
CA ARG D 250 2.87 -12.94 -8.37
C ARG D 250 2.83 -11.42 -8.49
N GLU D 251 3.22 -10.71 -7.45
CA GLU D 251 3.20 -9.27 -7.55
C GLU D 251 4.23 -8.72 -6.59
N SER D 252 5.00 -7.76 -7.07
CA SER D 252 6.06 -7.16 -6.30
C SER D 252 6.26 -5.76 -6.78
N TYR D 253 7.43 -5.19 -6.46
CA TYR D 253 7.77 -3.83 -6.87
C TYR D 253 8.51 -3.85 -8.20
N VAL D 254 8.71 -5.05 -8.75
CA VAL D 254 9.42 -5.23 -10.01
C VAL D 254 8.95 -4.17 -10.99
N LYS D 255 9.86 -3.24 -11.28
CA LYS D 255 9.58 -2.14 -12.18
C LYS D 255 9.57 -2.62 -13.61
N ALA D 256 10.27 -3.72 -13.83
CA ALA D 256 10.34 -4.35 -15.14
C ALA D 256 9.07 -5.19 -15.24
CA 01E E . -35.11 -21.42 2.56
CB 01E E . -35.35 -19.97 2.07
CG1 01E E . -36.01 -19.15 3.18
CG2 01E E . -34.03 -19.33 1.66
CG3 01E E . -36.28 -20.01 0.91
C 01E E . -34.19 -21.40 3.77
O 01E E . -34.62 -21.03 4.88
N 01E E . -32.94 -21.83 3.57
CA1 01E E . -31.95 -21.84 4.66
CB1 01E E . -31.29 -23.24 4.80
CG11 01E E . -30.70 -23.66 3.48
CG21 01E E . -30.21 -23.19 5.89
CG31 01E E . -32.32 -24.25 5.21
C1 01E E . -30.92 -20.73 4.44
O1 01E E . -30.35 -20.59 3.35
N1 01E E . -30.70 -19.94 5.48
CA2 01E E . -29.78 -18.81 5.48
CB2 01E E . -30.57 -17.56 5.83
CG 01E E . -31.73 -17.34 4.91
OD1 01E E . -31.96 -18.15 4.01
ND2 01E E . -32.50 -16.27 5.13
CE1 01E E . -32.33 -15.42 6.27
CH1 01E E . -33.50 -14.46 6.14
CE2 01E E . -33.51 -15.91 4.17
CH2 01E E . -34.22 -14.78 4.87
C2 01E E . -28.60 -18.96 6.47
O2 01E E . -28.81 -19.17 7.68
N2 01E E . -27.39 -18.77 5.98
CA3 01E E . -26.21 -18.90 6.83
C3 01E E . -25.30 -17.63 6.82
O3 01E E . -24.01 -17.98 7.14
CB3 01E E . -25.41 -20.12 6.43
C11 01E E . -25.78 -16.61 7.85
O11 01E E . -26.96 -16.22 7.86
N21 01E E . -24.88 -16.14 8.72
C31 01E E . -25.18 -15.15 9.75
C4 01E E . -25.35 -15.80 11.11
C5 01E E . -26.54 -16.44 11.46
C6 01E E . -26.68 -17.01 12.72
C7 01E E . -25.65 -16.96 13.64
I7 01E E . -25.84 -17.86 15.55
C8 01E E . -24.46 -16.32 13.29
C9 01E E . -24.32 -15.75 12.03
H2 01E E . -27.25 -18.58 5.03
H 01E E . -32.65 -22.12 2.70
H1 01E E . -31.16 -20.12 6.32
HN2 01E E . -23.98 -16.49 8.59
CA 01E F . -3.82 9.30 31.64
CB 01E F . -4.86 10.17 30.85
CG1 01E F . -4.56 10.13 29.35
CG2 01E F . -6.30 9.63 31.10
CG3 01E F . -4.78 11.62 31.33
C 01E F . -4.00 7.87 31.19
O 01E F . -3.54 7.48 30.12
N 01E F . -4.67 7.08 32.02
CA1 01E F . -4.97 5.69 31.71
CB1 01E F . -4.56 4.76 32.89
CG11 01E F . -5.12 5.30 34.19
CG21 01E F . -5.10 3.35 32.67
CG31 01E F . -3.05 4.71 33.02
C1 01E F . -6.48 5.62 31.39
O1 01E F . -7.29 6.24 32.08
N1 01E F . -6.82 4.91 30.31
CA2 01E F . -8.22 4.78 29.85
CB2 01E F . -8.37 5.38 28.44
CG 01E F . -8.18 6.88 28.40
OD1 01E F . -8.12 7.52 29.42
ND2 01E F . -8.09 7.43 27.19
CE1 01E F . -8.02 6.71 25.95
CH1 01E F . -8.00 7.85 24.93
CE2 01E F . -8.05 8.86 27.13
CH2 01E F . -8.05 9.16 25.64
C2 01E F . -8.53 3.30 29.74
O2 01E F . -7.74 2.53 29.19
N2 01E F . -9.70 2.92 30.23
CA3 01E F . -10.09 1.50 30.19
C3 01E F . -11.52 1.33 29.66
O3 01E F . -12.07 0.17 30.16
CB3 01E F . -9.96 0.88 31.58
C11 01E F . -11.50 1.25 28.13
O11 01E F . -11.14 2.22 27.46
N21 01E F . -11.92 0.13 27.58
C31 01E F . -11.99 -0.07 26.14
C4 01E F . -11.11 -1.20 25.72
C5 01E F . -9.83 -0.95 25.23
C6 01E F . -9.01 -1.99 24.79
C7 01E F . -9.49 -3.28 24.85
I7 01E F . -8.31 -4.88 24.21
C8 01E F . -10.77 -3.53 25.34
C9 01E F . -11.57 -2.49 25.77
H2 01E F . -10.32 3.54 30.69
H 01E F . -5.02 7.41 32.85
H1 01E F . -6.16 4.41 29.82
HN2 01E F . -12.23 -0.56 28.21
CA 01E G . 1.91 22.34 -23.97
CB 01E G . 2.89 22.87 -22.86
CG1 01E G . 2.78 22.03 -21.59
CG2 01E G . 4.33 22.81 -23.34
CG3 01E G . 2.54 24.32 -22.53
C 01E G . 2.25 20.90 -24.31
O 01E G . 1.75 19.97 -23.69
N 01E G . 3.07 20.71 -25.34
CA1 01E G . 3.53 19.38 -25.74
CB1 01E G . 3.20 19.10 -27.21
CG11 01E G . 3.60 20.28 -28.06
CG21 01E G . 3.95 17.84 -27.68
CG31 01E G . 1.71 18.87 -27.35
C1 01E G . 5.05 19.30 -25.49
O1 01E G . 5.79 20.18 -25.92
N1 01E G . 5.48 18.27 -24.77
CA2 01E G . 6.88 18.08 -24.42
CB2 01E G . 7.02 17.99 -22.90
CG 01E G . 6.73 19.31 -22.20
OD1 01E G . 6.64 20.37 -22.84
ND2 01E G . 6.61 19.25 -20.87
CE1 01E G . 6.67 18.04 -20.09
CH1 01E G . 6.53 18.51 -18.67
CE2 01E G . 6.43 20.47 -20.10
CH2 01E G . 6.42 20.01 -18.67
C2 01E G . 7.35 16.76 -25.00
O2 01E G . 6.67 15.75 -24.86
N2 01E G . 8.54 16.76 -25.59
CA3 01E G . 9.05 15.53 -26.19
C3 01E G . 10.53 15.27 -25.84
O3 01E G . 11.14 14.49 -26.80
CB3 01E G . 8.89 15.59 -27.70
C11 01E G . 10.60 14.59 -24.46
O11 01E G . 10.29 15.18 -23.45
N21 01E G . 11.06 13.36 -24.45
C31 01E G . 11.22 12.59 -23.23
C4 01E G . 10.47 11.31 -23.34
C5 01E G . 9.18 11.21 -22.84
C6 01E G . 8.51 10.01 -22.87
C7 01E G . 9.12 8.92 -23.40
I7 01E G . 8.11 7.12 -23.48
C8 01E G . 10.42 9.00 -23.89
C9 01E G . 11.09 10.19 -23.87
H2 01E G . 9.08 17.57 -25.69
H 01E G . 3.41 21.43 -25.84
H1 01E G . 4.85 17.57 -24.50
HN2 01E G . 11.34 13.01 -25.32
CA 01E H . 37.11 -14.16 -11.35
CB 01E H . 37.21 -13.12 -10.23
CG1 01E H . 37.75 -11.82 -10.75
CG2 01E H . 35.84 -12.90 -9.61
CG3 01E H . 38.13 -13.65 -9.17
C 01E H . 36.17 -13.68 -12.44
O 01E H . 36.53 -12.81 -13.23
N 01E H . 34.97 -14.26 -12.48
CA1 01E H . 33.98 -13.89 -13.48
CB1 01E H . 33.45 -15.11 -14.24
CG11 01E H . 33.04 -16.18 -13.26
CG21 01E H . 32.27 -14.70 -15.12
CG31 01E H . 34.53 -15.68 -15.12
C1 01E H . 32.84 -13.15 -12.80
O1 01E H . 32.28 -13.62 -11.83
N1 01E H . 32.52 -11.97 -13.34
CA2 01E H . 31.47 -11.10 -12.82
CB2 01E H . 32.06 -9.72 -12.54
CG 01E H . 33.16 -9.76 -11.47
OD1 01E H . 33.35 -10.77 -10.80
ND2 01E H . 33.86 -8.65 -11.29
CE1 01E H . 33.68 -7.45 -12.10
CH1 01E H . 34.47 -6.42 -11.35
CE2 01E H . 34.84 -8.60 -10.30
CH2 01E H . 35.04 -7.12 -10.15
C2 01E H . 30.29 -10.96 -13.77
O2 01E H . 30.47 -10.73 -14.96
N2 01E H . 29.08 -11.07 -13.23
CA3 01E H . 27.86 -10.98 -14.03
C3 01E H . 26.83 -9.97 -13.46
O3 01E H . 25.58 -10.36 -13.87
CB3 01E H . 27.24 -12.37 -14.15
C11 01E H . 27.17 -8.55 -13.91
O11 01E H . 28.26 -8.04 -13.61
N21 01E H . 26.23 -7.88 -14.56
C31 01E H . 26.37 -6.50 -15.05
C4 01E H . 26.50 -6.46 -16.54
C5 01E H . 27.74 -6.47 -17.14
C6 01E H . 27.87 -6.41 -18.53
C7 01E H . 26.74 -6.33 -19.33
I7 01E H . 26.95 -6.26 -21.44
C8 01E H . 25.48 -6.32 -18.73
C9 01E H . 25.37 -6.38 -17.35
H2 01E H . 28.97 -11.24 -12.26
H 01E H . 34.73 -14.91 -11.81
H1 01E H . 32.96 -11.69 -14.17
HN2 01E H . 25.39 -8.36 -14.68
#